data_9BPE
#
_entry.id   9BPE
#
_cell.length_a   58.764
_cell.length_b   83.478
_cell.length_c   95.558
_cell.angle_alpha   90.00
_cell.angle_beta   91.52
_cell.angle_gamma   90.00
#
_symmetry.space_group_name_H-M   'P 1 21 1'
#
loop_
_entity.id
_entity.type
_entity.pdbx_description
1 polymer 'Serine hydroxymethyltransferase'
2 non-polymer 'SULFATE ION'
3 non-polymer 'N-[4-({[(6S)-2-amino-5-formyl-4-oxo-3,4,5,6,7,8-hexahydropteridin-6-yl]methyl}amino)benzoyl]-L-glutamic acid'
4 non-polymer 'ACETATE ION'
5 water water
#
_entity_poly.entity_id   1
_entity_poly.type   'polypeptide(L)'
_entity_poly.pdbx_seq_one_letter_code
;KRDEALFELIALEEKRQREGLELIASENFVSKQVREAVGSVLTNKYAEGYPGARYYGGCEVIDRVESLAIERAKALFGAA
WANVQPHSGSQANMAVYMALMEPGDTLMGMDLAAGGHLTHGSRVNFSGKLYKVVSYGVRPDTELIDLEEVRRLALEHRPK
VIVAGASAYPRFWDFKAFREIADEVGAYLVVDMAHFAGLVAAGLHPNPLPYAHVVTSTTH(LLP)TLRGPRGGLILSNDP
ELGKRIDKLIFPGIQGGPLEHVIAGKAVAFFEALQPEFKEYSRLVVENAKRLAEELARRGYRIVTGGTDNHLFLVDLRPK
GLTGKEAEERLDAVGITVNKNAIPFDPKPPRVTSGIRIGTPAITTRGFTPEEMPLVAELIDRALLEGPSEALREEVRRLA
LAHPMP
;
_entity_poly.pdbx_strand_id   A,B
#
# COMPACT_ATOMS: atom_id res chain seq x y z
N LYS A 1 16.23 17.56 -14.34
CA LYS A 1 17.41 17.59 -13.42
C LYS A 1 17.33 16.40 -12.47
N ARG A 2 18.36 15.56 -12.50
CA ARG A 2 18.41 14.37 -11.66
C ARG A 2 18.63 14.69 -10.18
N ASP A 3 17.96 13.92 -9.32
CA ASP A 3 18.06 14.08 -7.87
C ASP A 3 19.26 13.26 -7.42
N GLU A 4 20.44 13.83 -7.58
CA GLU A 4 21.69 13.16 -7.27
C GLU A 4 21.79 12.71 -5.82
N ALA A 5 21.33 13.54 -4.89
CA ALA A 5 21.43 13.18 -3.47
C ALA A 5 20.70 11.86 -3.21
N LEU A 6 19.47 11.77 -3.71
CA LEU A 6 18.65 10.58 -3.53
C LEU A 6 19.30 9.35 -4.17
N PHE A 7 19.74 9.48 -5.43
CA PHE A 7 20.35 8.36 -6.14
C PHE A 7 21.69 7.89 -5.58
N GLU A 8 22.38 8.80 -4.90
CA GLU A 8 23.63 8.44 -4.24
C GLU A 8 23.30 7.49 -3.08
N LEU A 9 22.19 7.75 -2.37
CA LEU A 9 21.77 6.89 -1.26
C LEU A 9 21.34 5.51 -1.75
N ILE A 10 20.70 5.48 -2.92
CA ILE A 10 20.26 4.20 -3.50
C ILE A 10 21.47 3.34 -3.83
N ALA A 11 22.52 3.97 -4.34
CA ALA A 11 23.76 3.23 -4.67
C ALA A 11 24.39 2.65 -3.40
N LEU A 12 24.38 3.39 -2.31
CA LEU A 12 24.93 2.90 -1.05
C LEU A 12 24.12 1.71 -0.52
N GLU A 13 22.80 1.75 -0.69
CA GLU A 13 21.94 0.66 -0.22
C GLU A 13 22.23 -0.62 -1.00
N GLU A 14 22.45 -0.50 -2.31
CA GLU A 14 22.78 -1.64 -3.18
C GLU A 14 24.09 -2.24 -2.69
N LYS A 15 25.04 -1.39 -2.35
CA LYS A 15 26.34 -1.81 -1.87
C LYS A 15 26.18 -2.54 -0.54
N ARG A 16 25.35 -2.00 0.34
CA ARG A 16 25.11 -2.60 1.64
C ARG A 16 24.48 -3.98 1.49
N GLN A 17 23.56 -4.12 0.54
CA GLN A 17 22.90 -5.41 0.32
C GLN A 17 23.85 -6.47 -0.24
N ARG A 18 24.75 -6.06 -1.13
CA ARG A 18 25.72 -6.98 -1.72
C ARG A 18 26.74 -7.46 -0.70
N GLU A 19 27.19 -6.53 0.14
CA GLU A 19 28.27 -6.81 1.09
C GLU A 19 27.94 -7.37 2.47
N GLY A 20 26.68 -7.73 2.69
CA GLY A 20 26.31 -8.28 3.98
C GLY A 20 25.60 -9.62 3.84
N LEU A 21 25.33 -10.27 4.96
CA LEU A 21 24.60 -11.53 4.98
C LEU A 21 23.26 -11.26 5.64
N GLU A 22 22.20 -11.29 4.84
CA GLU A 22 20.85 -11.03 5.35
C GLU A 22 20.21 -12.29 5.92
N LEU A 23 20.06 -12.35 7.24
CA LEU A 23 19.47 -13.52 7.88
C LEU A 23 18.11 -13.24 8.55
N ILE A 24 17.49 -12.12 8.21
CA ILE A 24 16.17 -11.78 8.73
C ILE A 24 15.17 -12.63 7.97
N ALA A 25 14.46 -13.49 8.69
CA ALA A 25 13.57 -14.47 8.08
C ALA A 25 12.54 -13.95 7.10
N SER A 26 12.14 -12.70 7.27
CA SER A 26 11.11 -12.12 6.42
C SER A 26 11.62 -11.46 5.14
N GLU A 27 12.94 -11.39 4.99
CA GLU A 27 13.54 -10.75 3.83
C GLU A 27 13.79 -11.70 2.68
N ASN A 28 14.01 -11.11 1.51
CA ASN A 28 14.35 -11.85 0.29
C ASN A 28 14.87 -10.83 -0.71
N PHE A 29 15.30 -11.31 -1.87
CA PHE A 29 15.80 -10.45 -2.95
C PHE A 29 14.99 -10.78 -4.21
N VAL A 30 14.23 -9.82 -4.71
CA VAL A 30 13.39 -10.02 -5.88
C VAL A 30 14.21 -9.96 -7.16
N SER A 31 13.68 -10.55 -8.23
CA SER A 31 14.38 -10.60 -9.51
C SER A 31 14.30 -9.27 -10.22
N LYS A 32 15.11 -9.12 -11.27
CA LYS A 32 15.10 -7.88 -12.03
C LYS A 32 13.76 -7.68 -12.73
N GLN A 33 13.15 -8.74 -13.25
CA GLN A 33 11.87 -8.58 -13.97
C GLN A 33 10.71 -8.19 -13.06
N VAL A 34 10.76 -8.58 -11.79
CA VAL A 34 9.73 -8.16 -10.85
C VAL A 34 9.89 -6.65 -10.65
N ARG A 35 11.14 -6.20 -10.60
CA ARG A 35 11.45 -4.78 -10.42
C ARG A 35 11.08 -3.95 -11.64
N GLU A 36 11.24 -4.53 -12.82
CA GLU A 36 10.93 -3.87 -14.08
C GLU A 36 9.44 -3.58 -14.16
N ALA A 37 8.64 -4.52 -13.67
CA ALA A 37 7.18 -4.39 -13.68
C ALA A 37 6.76 -3.32 -12.68
N VAL A 38 7.36 -3.35 -11.50
CA VAL A 38 7.03 -2.40 -10.45
C VAL A 38 7.44 -0.97 -10.84
N GLY A 39 8.52 -0.84 -11.61
CA GLY A 39 8.96 0.48 -12.05
C GLY A 39 8.35 0.90 -13.36
N SER A 40 7.24 0.26 -13.74
CA SER A 40 6.57 0.54 -15.03
C SER A 40 5.55 1.68 -15.01
N VAL A 41 5.09 2.07 -16.19
CA VAL A 41 4.14 3.18 -16.30
C VAL A 41 2.74 2.80 -15.82
N LEU A 42 2.55 1.57 -15.36
CA LEU A 42 1.24 1.14 -14.89
C LEU A 42 0.83 1.90 -13.64
N THR A 43 1.79 2.60 -13.04
CA THR A 43 1.51 3.38 -11.84
C THR A 43 0.64 4.60 -12.17
N ASN A 44 0.60 4.98 -13.44
CA ASN A 44 -0.14 6.16 -13.87
C ASN A 44 -1.64 5.95 -13.95
N LYS A 45 -2.06 4.70 -13.99
CA LYS A 45 -3.48 4.41 -14.15
C LYS A 45 -4.30 4.28 -12.90
N TYR A 46 -5.49 5.01 -12.88
CA TYR A 46 -6.43 4.86 -11.79
C TYR A 46 -7.38 3.76 -12.26
N ALA A 47 -7.46 2.67 -11.51
CA ALA A 47 -8.28 1.54 -11.90
C ALA A 47 -9.15 0.95 -10.79
N GLU A 48 -9.91 1.80 -10.12
CA GLU A 48 -10.76 1.33 -9.04
C GLU A 48 -11.85 0.44 -9.59
N GLY A 49 -12.16 -0.60 -8.83
CA GLY A 49 -13.14 -1.58 -9.24
C GLY A 49 -12.41 -2.88 -9.51
N TYR A 50 -13.05 -3.79 -10.23
CA TYR A 50 -12.47 -5.07 -10.56
C TYR A 50 -12.53 -5.22 -12.07
N PRO A 51 -11.72 -6.20 -12.68
CA PRO A 51 -11.75 -6.36 -14.14
C PRO A 51 -13.17 -6.38 -14.73
N GLY A 52 -13.38 -5.57 -15.78
CA GLY A 52 -14.68 -5.52 -16.42
C GLY A 52 -15.72 -4.66 -15.76
N ALA A 53 -15.41 -4.15 -14.57
CA ALA A 53 -16.31 -3.30 -13.81
C ALA A 53 -15.53 -2.22 -13.06
N ARG A 54 -14.93 -1.31 -13.82
CA ARG A 54 -14.13 -0.22 -13.24
C ARG A 54 -14.87 1.10 -13.20
N TYR A 55 -14.36 2.03 -12.39
CA TYR A 55 -14.92 3.37 -12.27
C TYR A 55 -14.20 4.42 -13.12
N TYR A 56 -13.34 3.97 -14.05
CA TYR A 56 -12.61 4.87 -14.94
C TYR A 56 -12.49 4.21 -16.31
N GLY A 57 -12.34 5.02 -17.35
CA GLY A 57 -12.18 4.46 -18.67
C GLY A 57 -10.71 4.17 -18.91
N GLY A 58 -10.38 3.53 -20.03
CA GLY A 58 -9.01 3.23 -20.37
C GLY A 58 -8.38 2.03 -19.67
N CYS A 59 -9.19 1.23 -18.98
CA CYS A 59 -8.67 0.08 -18.24
C CYS A 59 -8.59 -1.26 -19.00
N GLU A 60 -8.79 -1.24 -20.32
CA GLU A 60 -8.77 -2.48 -21.09
C GLU A 60 -7.51 -3.32 -20.87
N VAL A 61 -6.33 -2.72 -20.93
CA VAL A 61 -5.10 -3.48 -20.74
C VAL A 61 -4.92 -3.87 -19.27
N ILE A 62 -5.16 -2.93 -18.37
CA ILE A 62 -5.01 -3.18 -16.95
C ILE A 62 -5.86 -4.38 -16.50
N ASP A 63 -7.04 -4.52 -17.08
CA ASP A 63 -7.90 -5.63 -16.73
C ASP A 63 -7.25 -6.96 -17.06
N ARG A 64 -6.52 -7.00 -18.17
CA ARG A 64 -5.85 -8.23 -18.58
C ARG A 64 -4.69 -8.52 -17.64
N VAL A 65 -4.06 -7.47 -17.14
CA VAL A 65 -2.96 -7.64 -16.20
C VAL A 65 -3.46 -8.21 -14.87
N GLU A 66 -4.52 -7.62 -14.33
CA GLU A 66 -5.06 -8.05 -13.05
C GLU A 66 -5.69 -9.43 -13.10
N SER A 67 -6.34 -9.76 -14.21
CA SER A 67 -6.97 -11.08 -14.37
C SER A 67 -5.88 -12.16 -14.44
N LEU A 68 -4.75 -11.81 -15.06
CA LEU A 68 -3.63 -12.71 -15.20
C LEU A 68 -3.09 -13.00 -13.80
N ALA A 69 -2.93 -11.97 -12.99
CA ALA A 69 -2.45 -12.12 -11.63
C ALA A 69 -3.38 -13.04 -10.85
N ILE A 70 -4.67 -12.78 -10.97
CA ILE A 70 -5.71 -13.56 -10.29
C ILE A 70 -5.69 -15.05 -10.68
N GLU A 71 -5.69 -15.32 -11.98
CA GLU A 71 -5.69 -16.69 -12.46
C GLU A 71 -4.45 -17.45 -12.03
N ARG A 72 -3.29 -16.82 -12.19
CA ARG A 72 -2.02 -17.44 -11.80
C ARG A 72 -1.98 -17.77 -10.32
N ALA A 73 -2.58 -16.91 -9.49
CA ALA A 73 -2.62 -17.14 -8.06
C ALA A 73 -3.48 -18.37 -7.76
N LYS A 74 -4.63 -18.47 -8.43
CA LYS A 74 -5.54 -19.60 -8.26
C LYS A 74 -4.86 -20.92 -8.67
N ALA A 75 -4.15 -20.91 -9.79
CA ALA A 75 -3.45 -22.09 -10.28
C ALA A 75 -2.29 -22.50 -9.37
N LEU A 76 -1.53 -21.52 -8.89
CA LEU A 76 -0.40 -21.79 -8.01
C LEU A 76 -0.81 -22.42 -6.67
N PHE A 77 -1.80 -21.83 -6.02
CA PHE A 77 -2.25 -22.29 -4.70
C PHE A 77 -3.46 -23.23 -4.68
N GLY A 78 -4.10 -23.42 -5.82
CA GLY A 78 -5.27 -24.28 -5.88
C GLY A 78 -6.47 -23.64 -5.19
N ALA A 79 -6.79 -22.41 -5.60
CA ALA A 79 -7.90 -21.66 -5.01
C ALA A 79 -8.97 -21.38 -6.05
N ALA A 80 -10.18 -21.11 -5.57
CA ALA A 80 -11.33 -20.83 -6.44
C ALA A 80 -11.57 -19.32 -6.63
N TRP A 81 -10.91 -18.51 -5.80
CA TRP A 81 -11.06 -17.06 -5.84
C TRP A 81 -9.80 -16.42 -5.29
N ALA A 82 -9.52 -15.20 -5.70
CA ALA A 82 -8.34 -14.49 -5.22
C ALA A 82 -8.56 -13.01 -5.41
N ASN A 83 -7.90 -12.22 -4.57
CA ASN A 83 -7.95 -10.77 -4.68
C ASN A 83 -6.49 -10.33 -4.59
N VAL A 84 -6.01 -9.64 -5.62
CA VAL A 84 -4.60 -9.23 -5.66
C VAL A 84 -4.37 -7.74 -5.43
N GLN A 85 -5.39 -7.04 -4.98
CA GLN A 85 -5.29 -5.61 -4.72
C GLN A 85 -4.74 -5.13 -3.35
N PRO A 86 -4.65 -6.00 -2.33
CA PRO A 86 -4.17 -5.47 -1.05
C PRO A 86 -2.76 -4.85 -1.12
N HIS A 87 -2.61 -3.63 -0.60
CA HIS A 87 -1.35 -2.93 -0.61
C HIS A 87 -0.27 -3.64 0.17
N SER A 88 -0.68 -4.41 1.17
CA SER A 88 0.26 -5.08 2.05
C SER A 88 -0.45 -6.24 2.74
N GLY A 89 0.31 -6.97 3.54
CA GLY A 89 -0.26 -8.09 4.29
C GLY A 89 -1.23 -7.58 5.34
N SER A 90 -0.92 -6.43 5.93
CA SER A 90 -1.77 -5.82 6.94
C SER A 90 -3.12 -5.40 6.37
N GLN A 91 -3.13 -4.85 5.16
CA GLN A 91 -4.41 -4.44 4.54
C GLN A 91 -5.24 -5.67 4.18
N ALA A 92 -4.56 -6.75 3.83
CA ALA A 92 -5.23 -8.00 3.51
C ALA A 92 -5.97 -8.51 4.73
N ASN A 93 -5.30 -8.52 5.89
CA ASN A 93 -5.92 -9.02 7.12
C ASN A 93 -7.05 -8.09 7.57
N MET A 94 -6.81 -6.79 7.45
CA MET A 94 -7.79 -5.79 7.85
C MET A 94 -9.10 -5.97 7.11
N ALA A 95 -9.03 -6.15 5.79
CA ALA A 95 -10.23 -6.33 4.97
C ALA A 95 -11.00 -7.60 5.33
N VAL A 96 -10.27 -8.66 5.64
CA VAL A 96 -10.89 -9.92 5.99
C VAL A 96 -11.59 -9.77 7.34
N TYR A 97 -10.91 -9.17 8.32
CA TYR A 97 -11.51 -8.97 9.64
C TYR A 97 -12.78 -8.15 9.55
N MET A 98 -12.75 -7.10 8.75
CA MET A 98 -13.90 -6.21 8.61
C MET A 98 -15.04 -6.83 7.83
N ALA A 99 -14.73 -7.85 7.02
CA ALA A 99 -15.75 -8.53 6.24
C ALA A 99 -16.44 -9.61 7.06
N LEU A 100 -15.72 -10.16 8.04
CA LEU A 100 -16.26 -11.24 8.85
C LEU A 100 -16.77 -10.83 10.22
N MET A 101 -16.24 -9.75 10.77
CA MET A 101 -16.64 -9.31 12.11
C MET A 101 -17.10 -7.87 12.14
N GLU A 102 -17.74 -7.52 13.24
CA GLU A 102 -18.18 -6.15 13.53
C GLU A 102 -17.31 -5.73 14.71
N PRO A 103 -17.03 -4.43 14.84
CA PRO A 103 -16.21 -4.05 16.00
C PRO A 103 -16.84 -4.60 17.28
N GLY A 104 -16.02 -4.99 18.25
CA GLY A 104 -16.55 -5.54 19.50
C GLY A 104 -16.49 -7.06 19.56
N ASP A 105 -16.53 -7.71 18.39
CA ASP A 105 -16.47 -9.17 18.32
C ASP A 105 -15.14 -9.68 18.85
N THR A 106 -15.07 -10.99 19.09
CA THR A 106 -13.88 -11.61 19.61
C THR A 106 -12.98 -12.20 18.52
N LEU A 107 -11.69 -11.89 18.64
CA LEU A 107 -10.68 -12.36 17.72
C LEU A 107 -9.70 -13.19 18.55
N MET A 108 -9.39 -14.39 18.06
CA MET A 108 -8.45 -15.26 18.73
C MET A 108 -7.24 -15.46 17.80
N GLY A 109 -6.05 -15.22 18.33
CA GLY A 109 -4.85 -15.37 17.52
C GLY A 109 -3.65 -15.70 18.38
N MET A 110 -2.56 -16.09 17.75
CA MET A 110 -1.35 -16.42 18.48
C MET A 110 -0.75 -15.19 19.14
N ASP A 111 -0.34 -15.35 20.40
CA ASP A 111 0.27 -14.29 21.18
C ASP A 111 1.57 -13.81 20.54
N LEU A 112 1.77 -12.50 20.57
CA LEU A 112 2.95 -11.86 20.00
C LEU A 112 4.25 -12.41 20.56
N ALA A 113 4.30 -12.61 21.88
CA ALA A 113 5.50 -13.12 22.53
C ALA A 113 5.81 -14.56 22.12
N ALA A 114 4.77 -15.30 21.77
CA ALA A 114 4.89 -16.70 21.37
C ALA A 114 5.12 -16.89 19.89
N GLY A 115 5.12 -15.80 19.13
CA GLY A 115 5.33 -15.91 17.70
C GLY A 115 4.28 -15.25 16.82
N GLY A 116 3.13 -14.90 17.39
CA GLY A 116 2.08 -14.26 16.61
C GLY A 116 2.50 -12.93 16.01
N HIS A 117 1.73 -12.45 15.05
CA HIS A 117 2.01 -11.18 14.37
C HIS A 117 1.16 -10.07 14.96
N LEU A 118 1.65 -8.84 14.84
CA LEU A 118 0.95 -7.66 15.34
C LEU A 118 -0.54 -7.65 14.94
N THR A 119 -0.84 -8.01 13.70
CA THR A 119 -2.23 -8.00 13.24
C THR A 119 -3.05 -9.17 13.75
N HIS A 120 -2.48 -9.95 14.68
CA HIS A 120 -3.17 -11.08 15.27
C HIS A 120 -3.72 -10.77 16.67
N GLY A 121 -3.87 -9.49 17.00
CA GLY A 121 -4.43 -9.12 18.30
C GLY A 121 -3.70 -8.13 19.18
N SER A 122 -2.57 -7.60 18.73
CA SER A 122 -1.80 -6.65 19.52
C SER A 122 -2.63 -5.39 19.83
N ARG A 123 -2.58 -4.94 21.08
CA ARG A 123 -3.35 -3.78 21.53
C ARG A 123 -2.90 -2.45 20.92
N ASN A 125 -2.13 -2.38 17.80
CA ASN A 125 -2.57 -2.57 16.41
C ASN A 125 -4.10 -2.48 16.31
N PHE A 126 -4.59 -2.15 15.11
CA PHE A 126 -6.02 -2.04 14.89
C PHE A 126 -6.77 -3.30 15.32
N SER A 127 -6.14 -4.47 15.15
CA SER A 127 -6.75 -5.73 15.53
C SER A 127 -7.14 -5.73 17.01
N GLY A 128 -6.25 -5.20 17.84
CA GLY A 128 -6.49 -5.16 19.27
C GLY A 128 -7.27 -3.95 19.76
N LYS A 129 -7.55 -3.02 18.86
CA LYS A 129 -8.29 -1.81 19.22
C LYS A 129 -9.77 -1.96 18.87
N LEU A 130 -10.07 -2.56 17.71
CA LEU A 130 -11.43 -2.74 17.26
C LEU A 130 -12.10 -4.01 17.78
N TYR A 131 -11.32 -5.00 18.19
CA TYR A 131 -11.90 -6.25 18.63
C TYR A 131 -11.37 -6.73 19.96
N LYS A 132 -12.16 -7.61 20.60
CA LYS A 132 -11.78 -8.21 21.87
C LYS A 132 -10.87 -9.38 21.50
N VAL A 133 -9.66 -9.38 22.06
CA VAL A 133 -8.68 -10.40 21.74
C VAL A 133 -8.42 -11.43 22.83
N VAL A 134 -8.21 -12.66 22.38
CA VAL A 134 -7.88 -13.79 23.24
C VAL A 134 -6.68 -14.47 22.56
N SER A 135 -5.58 -14.63 23.28
CA SER A 135 -4.38 -15.22 22.68
C SER A 135 -4.04 -16.64 23.13
N TYR A 136 -3.39 -17.39 22.23
CA TYR A 136 -2.93 -18.74 22.53
C TYR A 136 -1.44 -18.71 22.25
N GLY A 137 -0.69 -19.55 22.93
CA GLY A 137 0.76 -19.55 22.76
C GLY A 137 1.33 -20.93 22.64
N VAL A 138 2.49 -21.14 23.24
CA VAL A 138 3.14 -22.45 23.20
C VAL A 138 3.35 -22.96 24.61
N ARG A 139 3.57 -24.26 24.74
CA ARG A 139 3.81 -24.84 26.05
C ARG A 139 5.27 -24.66 26.41
N PRO A 140 5.56 -24.41 27.69
CA PRO A 140 6.95 -24.23 28.09
C PRO A 140 7.71 -25.53 27.95
N ASP A 141 7.02 -26.64 28.18
CA ASP A 141 7.65 -27.96 28.10
C ASP A 141 7.91 -28.52 26.70
N THR A 142 7.01 -28.26 25.76
CA THR A 142 7.18 -28.76 24.40
C THR A 142 7.70 -27.70 23.43
N GLU A 143 7.39 -26.43 23.74
CA GLU A 143 7.74 -25.28 22.91
C GLU A 143 6.87 -25.27 21.65
N LEU A 144 5.81 -26.08 21.68
CA LEU A 144 4.89 -26.18 20.56
C LEU A 144 3.49 -25.76 20.96
N ILE A 145 2.66 -25.49 19.96
CA ILE A 145 1.27 -25.13 20.19
C ILE A 145 0.57 -26.34 20.80
N ASP A 146 -0.37 -26.08 21.70
CA ASP A 146 -1.12 -27.13 22.36
C ASP A 146 -2.55 -27.01 21.88
N LEU A 147 -2.96 -27.90 20.98
CA LEU A 147 -4.29 -27.86 20.42
C LEU A 147 -5.41 -27.98 21.45
N GLU A 148 -5.12 -28.57 22.61
CA GLU A 148 -6.14 -28.71 23.63
C GLU A 148 -6.38 -27.38 24.32
N GLU A 149 -5.32 -26.61 24.51
CA GLU A 149 -5.46 -25.28 25.11
C GLU A 149 -6.17 -24.35 24.14
N VAL A 150 -5.94 -24.56 22.85
CA VAL A 150 -6.58 -23.76 21.80
C VAL A 150 -8.09 -24.01 21.80
N ARG A 151 -8.45 -25.28 21.93
CA ARG A 151 -9.83 -25.72 21.96
C ARG A 151 -10.54 -25.19 23.21
N ARG A 152 -9.91 -25.31 24.38
CA ARG A 152 -10.51 -24.82 25.62
C ARG A 152 -10.80 -23.34 25.47
N LEU A 153 -9.75 -22.58 25.15
CA LEU A 153 -9.89 -21.15 24.97
C LEU A 153 -11.04 -20.80 24.04
N ALA A 154 -11.13 -21.52 22.93
CA ALA A 154 -12.19 -21.29 21.96
C ALA A 154 -13.58 -21.51 22.57
N LEU A 155 -13.76 -22.66 23.22
CA LEU A 155 -15.04 -22.98 23.85
C LEU A 155 -15.41 -21.94 24.91
N GLU A 156 -14.41 -21.52 25.68
CA GLU A 156 -14.61 -20.56 26.75
C GLU A 156 -14.93 -19.14 26.25
N HIS A 157 -14.23 -18.71 25.21
CA HIS A 157 -14.40 -17.35 24.68
C HIS A 157 -15.23 -17.18 23.40
N ARG A 158 -15.65 -18.29 22.79
CA ARG A 158 -16.48 -18.23 21.59
C ARG A 158 -16.06 -17.13 20.62
N PRO A 159 -14.85 -17.23 20.07
CA PRO A 159 -14.40 -16.21 19.12
C PRO A 159 -15.15 -16.33 17.80
N LYS A 160 -15.32 -15.19 17.14
CA LYS A 160 -15.98 -15.13 15.85
C LYS A 160 -15.00 -15.55 14.76
N VAL A 161 -13.72 -15.23 15.00
CA VAL A 161 -12.64 -15.55 14.07
C VAL A 161 -11.42 -16.09 14.83
N ILE A 162 -10.84 -17.16 14.29
CA ILE A 162 -9.64 -17.77 14.85
C ILE A 162 -8.57 -17.73 13.76
N VAL A 163 -7.43 -17.14 14.10
CA VAL A 163 -6.31 -17.01 13.19
C VAL A 163 -5.22 -18.05 13.43
N ALA A 164 -4.78 -18.69 12.35
CA ALA A 164 -3.69 -19.65 12.38
C ALA A 164 -2.59 -19.03 11.53
N GLY A 165 -1.34 -19.31 11.87
CA GLY A 165 -0.23 -18.70 11.18
C GLY A 165 0.45 -17.75 12.17
N ALA A 166 1.70 -17.43 11.90
CA ALA A 166 2.47 -16.57 12.79
C ALA A 166 3.65 -15.98 12.03
N SER A 167 4.54 -15.32 12.75
CA SER A 167 5.69 -14.73 12.11
C SER A 167 6.98 -15.37 12.61
N ALA A 168 6.88 -16.13 13.69
CA ALA A 168 8.04 -16.80 14.26
C ALA A 168 7.68 -18.16 14.87
N TYR A 169 7.20 -19.08 14.05
CA TYR A 169 6.87 -20.44 14.52
C TYR A 169 7.61 -21.37 13.58
N PRO A 170 8.60 -22.10 14.10
CA PRO A 170 9.41 -22.98 13.25
C PRO A 170 8.82 -24.34 12.85
N ARG A 171 7.58 -24.64 13.25
CA ARG A 171 7.00 -25.94 12.91
C ARG A 171 5.72 -25.88 12.07
N PHE A 172 5.34 -27.02 11.50
CA PHE A 172 4.14 -27.14 10.68
C PHE A 172 2.90 -26.84 11.52
N TRP A 173 1.82 -26.49 10.83
CA TRP A 173 0.53 -26.21 11.43
C TRP A 173 -0.44 -27.33 11.05
N ASP A 174 -1.30 -27.70 11.98
CA ASP A 174 -2.31 -28.72 11.71
C ASP A 174 -3.60 -27.94 11.43
N PHE A 175 -3.76 -27.54 10.17
CA PHE A 175 -4.92 -26.76 9.75
C PHE A 175 -6.22 -27.51 9.94
N LYS A 176 -6.18 -28.82 9.76
CA LYS A 176 -7.36 -29.64 9.93
C LYS A 176 -7.87 -29.56 11.36
N ALA A 177 -6.96 -29.66 12.34
CA ALA A 177 -7.35 -29.58 13.75
C ALA A 177 -7.96 -28.21 14.05
N PHE A 178 -7.32 -27.16 13.55
CA PHE A 178 -7.81 -25.81 13.76
C PHE A 178 -9.21 -25.63 13.17
N ARG A 179 -9.47 -26.28 12.04
CA ARG A 179 -10.79 -26.16 11.41
C ARG A 179 -11.86 -26.87 12.23
N GLU A 180 -11.50 -27.99 12.86
CA GLU A 180 -12.43 -28.73 13.69
C GLU A 180 -12.81 -27.85 14.87
N ILE A 181 -11.81 -27.18 15.43
CA ILE A 181 -12.05 -26.30 16.56
C ILE A 181 -12.99 -25.16 16.17
N ALA A 182 -12.73 -24.57 15.02
CA ALA A 182 -13.56 -23.47 14.51
C ALA A 182 -15.01 -23.90 14.32
N ASP A 183 -15.22 -25.06 13.72
CA ASP A 183 -16.57 -25.57 13.48
C ASP A 183 -17.29 -25.84 14.79
N GLU A 184 -16.56 -26.34 15.78
CA GLU A 184 -17.14 -26.66 17.07
C GLU A 184 -17.78 -25.44 17.76
N VAL A 185 -17.22 -24.25 17.53
CA VAL A 185 -17.74 -23.03 18.15
C VAL A 185 -18.37 -22.09 17.15
N GLY A 186 -18.47 -22.54 15.89
CA GLY A 186 -19.07 -21.72 14.85
C GLY A 186 -18.28 -20.47 14.51
N ALA A 187 -16.96 -20.63 14.39
CA ALA A 187 -16.09 -19.51 14.06
C ALA A 187 -15.50 -19.70 12.68
N TYR A 188 -15.01 -18.60 12.12
CA TYR A 188 -14.35 -18.63 10.83
C TYR A 188 -12.88 -18.89 11.12
N LEU A 189 -12.27 -19.71 10.28
CA LEU A 189 -10.84 -19.99 10.41
C LEU A 189 -10.10 -19.21 9.33
N VAL A 190 -9.23 -18.29 9.75
CA VAL A 190 -8.45 -17.48 8.83
C VAL A 190 -6.99 -17.88 9.01
N VAL A 191 -6.34 -18.24 7.91
CA VAL A 191 -4.94 -18.62 7.96
C VAL A 191 -4.11 -17.56 7.25
N ASP A 192 -3.15 -17.01 7.98
CA ASP A 192 -2.24 -15.99 7.47
C ASP A 192 -0.93 -16.73 7.18
N MET A 193 -0.71 -17.06 5.91
CA MET A 193 0.49 -17.81 5.52
C MET A 193 1.62 -16.95 4.98
N ALA A 194 1.57 -15.64 5.22
CA ALA A 194 2.57 -14.73 4.71
C ALA A 194 4.00 -15.27 4.78
N HIS A 195 4.38 -15.80 5.94
CA HIS A 195 5.75 -16.27 6.10
C HIS A 195 6.14 -17.47 5.26
N PHE A 196 5.27 -18.47 5.24
CA PHE A 196 5.58 -19.71 4.51
C PHE A 196 4.81 -19.93 3.22
N ALA A 197 4.27 -18.86 2.64
CA ALA A 197 3.52 -18.98 1.40
C ALA A 197 4.31 -19.63 0.26
N GLY A 198 5.60 -19.30 0.17
CA GLY A 198 6.43 -19.86 -0.89
C GLY A 198 6.61 -21.36 -0.75
N LEU A 199 6.67 -21.83 0.48
CA LEU A 199 6.83 -23.26 0.75
C LEU A 199 5.55 -23.99 0.37
N VAL A 200 4.41 -23.33 0.59
CA VAL A 200 3.12 -23.89 0.23
C VAL A 200 3.05 -23.99 -1.29
N ALA A 201 3.46 -22.92 -1.96
CA ALA A 201 3.46 -22.90 -3.43
C ALA A 201 4.36 -23.99 -4.01
N ALA A 202 5.40 -24.35 -3.28
CA ALA A 202 6.33 -25.38 -3.75
C ALA A 202 5.98 -26.78 -3.23
N GLY A 203 4.89 -26.88 -2.46
CA GLY A 203 4.44 -28.16 -1.92
C GLY A 203 5.26 -28.71 -0.77
N LEU A 204 6.02 -27.84 -0.10
CA LEU A 204 6.87 -28.26 1.01
C LEU A 204 6.26 -27.91 2.37
N HIS A 205 5.02 -27.47 2.35
CA HIS A 205 4.32 -27.12 3.60
C HIS A 205 2.85 -27.42 3.38
N PRO A 206 2.16 -27.96 4.40
CA PRO A 206 0.71 -28.23 4.24
C PRO A 206 -0.05 -27.01 3.72
N ASN A 207 -0.88 -27.22 2.70
CA ASN A 207 -1.67 -26.16 2.09
C ASN A 207 -2.96 -25.92 2.90
N PRO A 208 -3.18 -24.67 3.38
CA PRO A 208 -4.36 -24.34 4.18
C PRO A 208 -5.66 -24.08 3.41
N LEU A 209 -5.59 -23.97 2.09
CA LEU A 209 -6.77 -23.69 1.29
C LEU A 209 -8.01 -24.54 1.59
N PRO A 210 -7.87 -25.87 1.62
CA PRO A 210 -9.09 -26.64 1.87
C PRO A 210 -9.72 -26.51 3.27
N TYR A 211 -8.92 -26.15 4.26
CA TYR A 211 -9.41 -26.09 5.65
C TYR A 211 -9.83 -24.73 6.16
N ALA A 212 -9.14 -23.69 5.73
CA ALA A 212 -9.50 -22.34 6.16
C ALA A 212 -10.67 -21.83 5.33
N HIS A 213 -11.40 -20.87 5.89
CA HIS A 213 -12.48 -20.23 5.14
C HIS A 213 -11.83 -19.19 4.25
N VAL A 214 -10.79 -18.55 4.79
CA VAL A 214 -10.06 -17.49 4.09
C VAL A 214 -8.57 -17.58 4.36
N VAL A 215 -7.77 -17.31 3.33
CA VAL A 215 -6.33 -17.32 3.46
C VAL A 215 -5.73 -15.97 3.01
N THR A 216 -4.90 -15.37 3.86
CA THR A 216 -4.24 -14.10 3.56
C THR A 216 -2.74 -14.37 3.48
N SER A 217 -2.02 -13.47 2.83
CA SER A 217 -0.59 -13.61 2.67
C SER A 217 0.02 -12.31 2.14
N THR A 218 1.34 -12.28 2.16
CA THR A 218 2.10 -11.17 1.58
C THR A 218 2.55 -11.75 0.26
N THR A 219 3.04 -10.92 -0.66
CA THR A 219 3.54 -11.44 -1.93
C THR A 219 5.06 -11.46 -1.86
N HIS A 220 5.60 -10.80 -0.83
CA HIS A 220 7.03 -10.84 -0.62
C HIS A 220 7.28 -11.96 0.39
N THR A 222 8.88 -15.57 1.62
CA THR A 222 9.26 -16.79 0.89
C THR A 222 8.73 -16.86 -0.51
N LEU A 223 7.63 -16.16 -0.80
CA LEU A 223 7.08 -16.15 -2.16
C LEU A 223 7.98 -15.33 -3.11
N ARG A 224 8.93 -14.61 -2.54
CA ARG A 224 9.93 -13.85 -3.29
C ARG A 224 9.38 -12.87 -4.34
N GLY A 225 8.23 -12.27 -4.04
CA GLY A 225 7.63 -11.34 -4.96
C GLY A 225 7.76 -9.90 -4.50
N PRO A 226 7.01 -8.97 -5.10
CA PRO A 226 7.06 -7.56 -4.70
C PRO A 226 6.31 -7.38 -3.40
N ARG A 227 6.55 -6.25 -2.75
CA ARG A 227 5.91 -5.96 -1.49
C ARG A 227 4.43 -5.69 -1.72
N GLY A 228 3.56 -6.55 -1.16
CA GLY A 228 2.14 -6.36 -1.31
C GLY A 228 1.36 -7.43 -0.56
N GLY A 229 0.03 -7.40 -0.69
CA GLY A 229 -0.82 -8.38 -0.04
C GLY A 229 -1.57 -9.29 -1.00
N LEU A 230 -2.28 -10.27 -0.45
CA LEU A 230 -3.01 -11.26 -1.24
C LEU A 230 -4.08 -11.95 -0.39
N ILE A 231 -5.20 -12.29 -1.01
CA ILE A 231 -6.29 -13.01 -0.33
C ILE A 231 -6.76 -14.13 -1.24
N LEU A 232 -6.94 -15.31 -0.66
CA LEU A 232 -7.37 -16.50 -1.38
C LEU A 232 -8.47 -17.19 -0.61
N SER A 233 -9.22 -18.05 -1.29
CA SER A 233 -10.29 -18.81 -0.66
C SER A 233 -10.84 -19.86 -1.62
N ASN A 234 -11.48 -20.90 -1.07
CA ASN A 234 -12.09 -21.91 -1.92
C ASN A 234 -13.59 -21.60 -2.01
N ASP A 235 -14.00 -20.48 -1.42
CA ASP A 235 -15.41 -20.07 -1.43
C ASP A 235 -15.62 -18.73 -2.14
N PRO A 236 -16.00 -18.76 -3.43
CA PRO A 236 -16.20 -17.52 -4.20
C PRO A 236 -17.25 -16.56 -3.63
N GLU A 237 -18.24 -17.09 -2.92
CA GLU A 237 -19.28 -16.27 -2.34
C GLU A 237 -18.68 -15.40 -1.26
N LEU A 238 -17.91 -16.03 -0.38
CA LEU A 238 -17.22 -15.30 0.68
C LEU A 238 -16.26 -14.31 0.00
N GLY A 239 -15.67 -14.72 -1.11
CA GLY A 239 -14.77 -13.87 -1.86
C GLY A 239 -15.44 -12.57 -2.26
N LYS A 240 -16.64 -12.64 -2.85
CA LYS A 240 -17.37 -11.44 -3.25
C LYS A 240 -17.50 -10.44 -2.11
N ARG A 241 -17.73 -10.95 -0.90
CA ARG A 241 -17.88 -10.07 0.26
C ARG A 241 -16.59 -9.32 0.58
N ILE A 242 -15.47 -10.03 0.47
CA ILE A 242 -14.17 -9.45 0.79
C ILE A 242 -13.72 -8.48 -0.29
N ASP A 243 -14.07 -8.76 -1.55
CA ASP A 243 -13.75 -7.85 -2.66
C ASP A 243 -14.35 -6.49 -2.33
N LYS A 244 -15.58 -6.48 -1.80
CA LYS A 244 -16.27 -5.23 -1.45
C LYS A 244 -15.56 -4.49 -0.31
N LEU A 245 -14.97 -5.24 0.63
CA LEU A 245 -14.24 -4.61 1.74
C LEU A 245 -12.90 -4.02 1.32
N ILE A 246 -12.26 -4.60 0.30
CA ILE A 246 -10.97 -4.07 -0.18
C ILE A 246 -11.27 -2.76 -0.87
N PHE A 247 -12.29 -2.79 -1.71
CA PHE A 247 -12.74 -1.59 -2.40
C PHE A 247 -14.24 -1.70 -2.62
N PRO A 248 -15.01 -0.65 -2.28
CA PRO A 248 -14.60 0.65 -1.74
C PRO A 248 -14.42 0.72 -0.21
N GLY A 249 -14.36 -0.43 0.43
CA GLY A 249 -14.21 -0.47 1.87
C GLY A 249 -13.02 0.20 2.52
N ILE A 250 -11.81 -0.31 2.30
CA ILE A 250 -10.62 0.23 2.94
C ILE A 250 -9.54 0.82 2.04
N GLN A 251 -9.63 0.61 0.73
CA GLN A 251 -8.62 1.17 -0.16
C GLN A 251 -9.23 2.05 -1.23
N GLY A 252 -8.38 2.74 -1.99
CA GLY A 252 -8.82 3.59 -3.07
C GLY A 252 -8.28 2.93 -4.34
N GLY A 253 -7.41 3.64 -5.05
CA GLY A 253 -6.82 3.05 -6.24
C GLY A 253 -5.81 1.96 -5.94
N PRO A 254 -5.88 0.82 -6.65
CA PRO A 254 -4.91 -0.27 -6.45
C PRO A 254 -3.57 0.12 -7.12
N LEU A 255 -2.50 -0.54 -6.73
CA LEU A 255 -1.17 -0.27 -7.30
C LEU A 255 -0.95 -1.30 -8.41
N GLU A 256 -1.48 -1.01 -9.61
CA GLU A 256 -1.42 -1.91 -10.76
C GLU A 256 -0.02 -2.28 -11.21
N HIS A 257 0.96 -1.43 -10.91
CA HIS A 257 2.35 -1.74 -11.27
C HIS A 257 2.83 -2.83 -10.33
N VAL A 258 2.36 -2.80 -9.09
CA VAL A 258 2.74 -3.82 -8.10
C VAL A 258 2.00 -5.12 -8.40
N ILE A 259 0.78 -5.00 -8.92
CA ILE A 259 -0.03 -6.14 -9.30
C ILE A 259 0.63 -6.87 -10.48
N ALA A 260 1.17 -6.10 -11.43
CA ALA A 260 1.88 -6.67 -12.57
C ALA A 260 3.10 -7.40 -12.02
N GLY A 261 3.69 -6.82 -10.98
CA GLY A 261 4.84 -7.42 -10.31
C GLY A 261 4.46 -8.73 -9.62
N LYS A 262 3.23 -8.78 -9.13
CA LYS A 262 2.73 -9.98 -8.45
C LYS A 262 2.53 -11.09 -9.48
N ALA A 263 2.03 -10.70 -10.65
CA ALA A 263 1.80 -11.66 -11.73
C ALA A 263 3.12 -12.30 -12.13
N VAL A 264 4.16 -11.49 -12.20
CA VAL A 264 5.49 -11.98 -12.55
C VAL A 264 6.00 -12.98 -11.50
N ALA A 265 5.81 -12.66 -10.22
CA ALA A 265 6.27 -13.54 -9.15
C ALA A 265 5.54 -14.87 -9.17
N PHE A 266 4.25 -14.84 -9.47
CA PHE A 266 3.47 -16.06 -9.54
C PHE A 266 3.98 -16.91 -10.72
N PHE A 267 4.43 -16.24 -11.77
CA PHE A 267 4.98 -16.90 -12.94
C PHE A 267 6.28 -17.63 -12.53
N GLU A 268 7.12 -16.95 -11.76
CA GLU A 268 8.37 -17.51 -11.31
C GLU A 268 8.14 -18.71 -10.41
N ALA A 269 7.15 -18.60 -9.53
CA ALA A 269 6.80 -19.65 -8.58
C ALA A 269 6.16 -20.88 -9.21
N LEU A 270 5.70 -20.72 -10.45
CA LEU A 270 5.05 -21.82 -11.19
C LEU A 270 6.06 -22.63 -12.00
N GLN A 271 7.29 -22.13 -12.08
CA GLN A 271 8.36 -22.82 -12.80
C GLN A 271 8.98 -23.86 -11.85
N PRO A 272 9.45 -25.00 -12.38
CA PRO A 272 10.06 -26.05 -11.54
C PRO A 272 11.26 -25.57 -10.72
N GLU A 273 11.96 -24.55 -11.20
CA GLU A 273 13.13 -24.03 -10.47
C GLU A 273 12.76 -23.48 -9.10
N PHE A 274 11.52 -23.00 -8.94
CA PHE A 274 11.09 -22.45 -7.67
C PHE A 274 11.00 -23.55 -6.62
N LYS A 275 10.65 -24.75 -7.05
CA LYS A 275 10.53 -25.87 -6.14
C LYS A 275 11.92 -26.28 -5.68
N GLU A 276 12.90 -26.13 -6.57
CA GLU A 276 14.30 -26.47 -6.25
C GLU A 276 14.84 -25.44 -5.24
N TYR A 277 14.54 -24.17 -5.51
CA TYR A 277 14.96 -23.08 -4.64
C TYR A 277 14.39 -23.28 -3.24
N SER A 278 13.09 -23.56 -3.18
CA SER A 278 12.41 -23.74 -1.91
C SER A 278 12.90 -24.93 -1.11
N ARG A 279 13.30 -25.99 -1.80
CA ARG A 279 13.82 -27.19 -1.14
C ARG A 279 15.12 -26.80 -0.43
N LEU A 280 15.96 -26.05 -1.12
CA LEU A 280 17.23 -25.59 -0.57
C LEU A 280 17.06 -24.64 0.61
N VAL A 281 16.01 -23.83 0.58
CA VAL A 281 15.75 -22.90 1.66
C VAL A 281 15.63 -23.72 2.95
N VAL A 282 14.76 -24.72 2.93
CA VAL A 282 14.54 -25.57 4.09
C VAL A 282 15.79 -26.36 4.49
N GLU A 283 16.51 -26.88 3.50
CA GLU A 283 17.72 -27.64 3.79
C GLU A 283 18.78 -26.78 4.45
N ASN A 284 18.90 -25.54 4.00
CA ASN A 284 19.85 -24.61 4.59
C ASN A 284 19.46 -24.24 6.02
N ALA A 285 18.17 -24.10 6.27
CA ALA A 285 17.70 -23.75 7.61
C ALA A 285 18.00 -24.88 8.59
N LYS A 286 17.69 -26.11 8.20
CA LYS A 286 17.94 -27.29 9.05
C LYS A 286 19.42 -27.48 9.31
N ARG A 287 20.22 -27.37 8.25
CA ARG A 287 21.66 -27.53 8.35
C ARG A 287 22.29 -26.44 9.22
N LEU A 288 21.91 -25.19 8.98
CA LEU A 288 22.44 -24.07 9.77
C LEU A 288 22.07 -24.22 11.24
N ALA A 289 20.87 -24.69 11.52
CA ALA A 289 20.42 -24.90 12.89
C ALA A 289 21.28 -25.99 13.55
N GLU A 290 21.54 -27.07 12.80
CA GLU A 290 22.38 -28.17 13.31
C GLU A 290 23.78 -27.69 13.65
N GLU A 291 24.36 -26.91 12.76
CA GLU A 291 25.72 -26.42 12.92
C GLU A 291 25.85 -25.51 14.13
N LEU A 292 24.84 -24.69 14.39
CA LEU A 292 24.86 -23.80 15.54
C LEU A 292 24.65 -24.63 16.81
N ALA A 293 23.82 -25.67 16.72
CA ALA A 293 23.60 -26.54 17.86
C ALA A 293 24.93 -27.20 18.28
N ARG A 294 25.69 -27.70 17.30
CA ARG A 294 26.97 -28.35 17.59
C ARG A 294 27.97 -27.36 18.16
N ARG A 295 27.73 -26.08 17.95
CA ARG A 295 28.60 -25.04 18.47
C ARG A 295 28.13 -24.56 19.83
N GLY A 296 27.16 -25.25 20.40
CA GLY A 296 26.72 -24.91 21.74
C GLY A 296 25.51 -24.01 21.92
N TYR A 297 24.68 -23.90 20.90
CA TYR A 297 23.47 -23.09 20.98
C TYR A 297 22.33 -24.07 21.01
N ARG A 298 21.21 -23.69 21.61
CA ARG A 298 20.05 -24.58 21.68
C ARG A 298 18.97 -24.10 20.72
N ILE A 299 18.43 -25.00 19.93
CA ILE A 299 17.39 -24.66 18.97
C ILE A 299 16.02 -24.97 19.56
N VAL A 300 15.15 -23.96 19.59
CA VAL A 300 13.79 -24.10 20.14
C VAL A 300 13.04 -25.14 19.31
N THR A 301 12.43 -26.10 20.01
CA THR A 301 11.70 -27.24 19.41
C THR A 301 12.70 -28.25 18.85
N GLY A 302 13.98 -27.98 19.05
CA GLY A 302 15.03 -28.87 18.56
C GLY A 302 15.28 -28.87 17.06
N GLY A 303 14.70 -27.91 16.34
CA GLY A 303 14.90 -27.85 14.90
C GLY A 303 13.86 -26.96 14.23
N THR A 304 13.54 -27.28 12.98
CA THR A 304 12.56 -26.52 12.19
C THR A 304 12.01 -27.38 11.06
N ASP A 305 10.81 -27.02 10.59
CA ASP A 305 10.15 -27.71 9.49
C ASP A 305 10.09 -26.76 8.28
N ASN A 306 10.47 -25.51 8.51
CA ASN A 306 10.39 -24.48 7.47
C ASN A 306 11.68 -23.69 7.21
N HIS A 307 11.50 -22.41 6.87
CA HIS A 307 12.62 -21.51 6.50
C HIS A 307 13.29 -20.77 7.64
N LEU A 308 12.74 -20.87 8.85
CA LEU A 308 13.30 -20.16 9.98
C LEU A 308 13.42 -21.03 11.22
N PHE A 309 14.25 -20.60 12.15
CA PHE A 309 14.42 -21.29 13.42
C PHE A 309 14.73 -20.26 14.48
N LEU A 310 14.56 -20.66 15.73
CA LEU A 310 14.79 -19.76 16.86
C LEU A 310 15.97 -20.28 17.67
N VAL A 311 16.88 -19.37 17.99
CA VAL A 311 18.06 -19.70 18.74
C VAL A 311 18.02 -19.22 20.17
N ASP A 312 18.17 -20.16 21.08
CA ASP A 312 18.22 -19.92 22.51
C ASP A 312 19.69 -19.62 22.83
N LEU A 313 19.97 -18.36 23.18
CA LEU A 313 21.32 -17.90 23.49
C LEU A 313 21.76 -18.11 24.95
N ARG A 314 20.86 -18.58 25.81
CA ARG A 314 21.18 -18.81 27.21
C ARG A 314 22.47 -19.60 27.47
N PRO A 315 22.70 -20.68 26.71
CA PRO A 315 23.92 -21.47 26.96
C PRO A 315 25.21 -20.65 26.89
N LYS A 316 25.17 -19.51 26.21
CA LYS A 316 26.35 -18.66 26.07
C LYS A 316 26.22 -17.34 26.79
N GLY A 317 25.23 -17.23 27.64
CA GLY A 317 25.05 -16.03 28.44
C GLY A 317 24.83 -14.73 27.70
N LEU A 318 24.20 -14.81 26.54
CA LEU A 318 23.91 -13.62 25.74
C LEU A 318 22.40 -13.33 25.64
N THR A 319 22.06 -12.06 25.51
CA THR A 319 20.67 -11.65 25.31
C THR A 319 20.45 -11.44 23.80
N GLY A 320 19.19 -11.44 23.37
CA GLY A 320 18.89 -11.25 21.96
C GLY A 320 19.30 -9.88 21.46
N LYS A 321 19.22 -8.88 22.34
CA LYS A 321 19.58 -7.51 22.01
C LYS A 321 21.09 -7.41 21.79
N GLU A 322 21.86 -8.07 22.63
CA GLU A 322 23.32 -8.04 22.51
C GLU A 322 23.78 -8.70 21.22
N ALA A 323 23.26 -9.89 20.94
CA ALA A 323 23.62 -10.63 19.75
C ALA A 323 23.26 -9.89 18.46
N GLU A 324 22.12 -9.22 18.49
CA GLU A 324 21.64 -8.49 17.32
C GLU A 324 22.67 -7.41 16.98
N GLU A 325 23.14 -6.68 17.99
CA GLU A 325 24.12 -5.62 17.78
C GLU A 325 25.46 -6.12 17.28
N ARG A 326 25.98 -7.15 17.93
CA ARG A 326 27.27 -7.70 17.55
C ARG A 326 27.28 -8.24 16.12
N LEU A 327 26.18 -8.87 15.71
CA LEU A 327 26.10 -9.44 14.37
C LEU A 327 25.94 -8.30 13.38
N ASP A 328 25.10 -7.33 13.72
CA ASP A 328 24.87 -6.19 12.87
C ASP A 328 26.17 -5.42 12.63
N ALA A 329 27.01 -5.33 13.66
CA ALA A 329 28.27 -4.61 13.54
C ALA A 329 29.21 -5.21 12.50
N VAL A 330 29.03 -6.49 12.19
CA VAL A 330 29.89 -7.16 11.21
C VAL A 330 29.17 -7.49 9.91
N GLY A 331 28.00 -6.89 9.70
CA GLY A 331 27.28 -7.11 8.46
C GLY A 331 26.36 -8.30 8.42
N ILE A 332 26.04 -8.88 9.58
CA ILE A 332 25.12 -10.01 9.62
C ILE A 332 23.88 -9.51 10.34
N THR A 333 22.76 -9.53 9.63
CA THR A 333 21.50 -9.05 10.19
C THR A 333 20.50 -10.15 10.54
N VAL A 334 20.08 -10.15 11.80
CA VAL A 334 19.09 -11.08 12.33
C VAL A 334 18.18 -10.21 13.18
N ASN A 335 17.26 -10.81 13.92
CA ASN A 335 16.46 -10.03 14.86
C ASN A 335 16.22 -10.79 16.16
N LYS A 336 16.12 -10.07 17.28
CA LYS A 336 15.90 -10.70 18.57
C LYS A 336 14.50 -11.28 18.61
N ASN A 337 14.33 -12.37 19.36
CA ASN A 337 13.03 -13.02 19.48
C ASN A 337 12.95 -13.70 20.82
N ALA A 338 11.81 -13.58 21.50
CA ALA A 338 11.64 -14.22 22.78
C ALA A 338 11.58 -15.73 22.57
N ILE A 339 12.08 -16.49 23.54
CA ILE A 339 12.02 -17.94 23.51
C ILE A 339 10.84 -18.30 24.40
N PRO A 340 10.35 -19.54 24.31
CA PRO A 340 9.21 -19.86 25.17
C PRO A 340 9.49 -19.53 26.65
N PHE A 341 8.65 -18.65 27.21
CA PHE A 341 8.77 -18.22 28.60
C PHE A 341 10.20 -17.76 28.90
N ASP A 342 10.58 -16.69 28.21
CA ASP A 342 11.89 -16.09 28.32
C ASP A 342 12.09 -15.47 29.71
N PRO A 343 13.24 -15.76 30.37
CA PRO A 343 13.43 -15.14 31.67
C PRO A 343 13.76 -13.64 31.57
N LYS A 344 13.92 -13.15 30.34
CA LYS A 344 14.24 -11.74 30.09
C LYS A 344 13.03 -11.02 29.49
N PRO A 345 12.91 -9.70 29.74
CA PRO A 345 11.78 -8.92 29.19
C PRO A 345 11.80 -8.95 27.65
N PRO A 346 10.69 -8.56 27.00
CA PRO A 346 10.60 -8.59 25.54
C PRO A 346 11.52 -7.62 24.80
N ARG A 347 11.83 -6.48 25.40
CA ARG A 347 12.74 -5.52 24.77
C ARG A 347 14.19 -6.08 24.73
N VAL A 348 14.46 -7.10 25.54
CA VAL A 348 15.78 -7.72 25.63
C VAL A 348 15.86 -9.13 25.00
N THR A 349 15.06 -10.05 25.53
CA THR A 349 15.00 -11.47 25.08
C THR A 349 16.26 -12.29 25.29
N SER A 350 16.11 -13.60 25.08
CA SER A 350 17.20 -14.56 25.22
C SER A 350 17.48 -15.30 23.91
N GLY A 351 16.90 -14.82 22.81
CA GLY A 351 17.12 -15.47 21.52
C GLY A 351 17.13 -14.54 20.33
N ILE A 352 17.31 -15.14 19.16
CA ILE A 352 17.30 -14.42 17.90
C ILE A 352 16.60 -15.31 16.87
N ARG A 353 16.05 -14.69 15.84
CA ARG A 353 15.40 -15.44 14.78
C ARG A 353 16.30 -15.32 13.56
N ILE A 354 16.47 -16.43 12.87
CA ILE A 354 17.28 -16.50 11.67
C ILE A 354 16.48 -17.22 10.60
N GLY A 355 16.57 -16.71 9.38
CA GLY A 355 15.87 -17.30 8.26
C GLY A 355 16.82 -17.39 7.08
N THR A 356 16.63 -18.39 6.21
CA THR A 356 17.51 -18.61 5.06
C THR A 356 16.98 -18.22 3.67
N PRO A 357 15.73 -17.73 3.55
CA PRO A 357 15.29 -17.44 2.17
C PRO A 357 16.21 -16.54 1.37
N ALA A 358 16.62 -15.43 1.96
CA ALA A 358 17.46 -14.44 1.28
C ALA A 358 18.83 -14.96 0.84
N ILE A 359 19.56 -15.62 1.74
CA ILE A 359 20.87 -16.16 1.37
C ILE A 359 20.76 -17.32 0.38
N THR A 360 19.65 -18.05 0.40
CA THR A 360 19.48 -19.14 -0.55
C THR A 360 19.34 -18.54 -1.95
N THR A 361 18.71 -17.38 -2.02
CA THR A 361 18.51 -16.69 -3.28
C THR A 361 19.83 -16.21 -3.85
N ARG A 362 20.79 -15.94 -2.99
CA ARG A 362 22.12 -15.50 -3.40
C ARG A 362 23.03 -16.68 -3.69
N GLY A 363 22.45 -17.86 -3.71
CA GLY A 363 23.20 -19.06 -4.05
C GLY A 363 23.90 -19.83 -2.95
N PHE A 364 23.55 -19.60 -1.69
CA PHE A 364 24.18 -20.36 -0.63
C PHE A 364 23.61 -21.75 -0.63
N THR A 365 24.46 -22.74 -0.39
CA THR A 365 24.04 -24.14 -0.34
C THR A 365 24.36 -24.74 1.03
N PRO A 366 23.73 -25.88 1.36
CA PRO A 366 23.92 -26.49 2.69
C PRO A 366 25.36 -26.75 3.07
N GLU A 367 26.20 -27.05 2.08
CA GLU A 367 27.60 -27.32 2.37
C GLU A 367 28.32 -26.07 2.86
N GLU A 368 27.73 -24.90 2.64
CA GLU A 368 28.32 -23.65 3.09
C GLU A 368 27.83 -23.19 4.47
N MET A 369 26.78 -23.81 4.98
CA MET A 369 26.24 -23.42 6.28
C MET A 369 27.22 -23.50 7.44
N PRO A 370 28.09 -24.54 7.47
CA PRO A 370 29.05 -24.58 8.58
C PRO A 370 29.86 -23.28 8.70
N LEU A 371 30.23 -22.70 7.56
CA LEU A 371 31.02 -21.47 7.54
C LEU A 371 30.21 -20.26 8.04
N VAL A 372 28.92 -20.21 7.71
CA VAL A 372 28.06 -19.13 8.17
C VAL A 372 27.87 -19.28 9.67
N ALA A 373 27.81 -20.52 10.13
CA ALA A 373 27.64 -20.80 11.56
C ALA A 373 28.86 -20.33 12.34
N GLU A 374 30.04 -20.59 11.79
CA GLU A 374 31.28 -20.21 12.44
C GLU A 374 31.38 -18.68 12.58
N LEU A 375 31.00 -17.95 11.54
CA LEU A 375 31.04 -16.49 11.56
C LEU A 375 30.10 -15.90 12.59
N ILE A 376 28.93 -16.49 12.72
CA ILE A 376 27.94 -16.05 13.68
C ILE A 376 28.46 -16.28 15.11
N ASP A 377 29.03 -17.46 15.33
CA ASP A 377 29.58 -17.82 16.64
C ASP A 377 30.74 -16.90 17.05
N ARG A 378 31.66 -16.64 16.12
CA ARG A 378 32.81 -15.77 16.38
C ARG A 378 32.40 -14.34 16.72
N ALA A 379 31.37 -13.82 16.07
CA ALA A 379 30.91 -12.46 16.31
C ALA A 379 30.31 -12.37 17.70
N LEU A 380 29.59 -13.40 18.10
CA LEU A 380 28.95 -13.43 19.41
C LEU A 380 29.96 -13.65 20.55
N LEU A 381 30.98 -14.46 20.31
CA LEU A 381 31.99 -14.71 21.33
C LEU A 381 33.09 -13.66 21.33
N GLU A 382 33.70 -13.42 20.17
CA GLU A 382 34.78 -12.45 20.06
C GLU A 382 34.31 -11.01 19.93
N GLY A 383 33.08 -10.82 19.51
CA GLY A 383 32.58 -9.47 19.32
C GLY A 383 33.04 -8.95 17.96
N PRO A 384 32.60 -7.75 17.56
CA PRO A 384 32.98 -7.19 16.26
C PRO A 384 34.43 -6.73 16.13
N SER A 385 34.97 -6.86 14.92
CA SER A 385 36.34 -6.46 14.58
C SER A 385 36.41 -6.29 13.07
N GLU A 386 37.39 -5.55 12.59
CA GLU A 386 37.56 -5.32 11.16
C GLU A 386 37.77 -6.61 10.40
N ALA A 387 38.69 -7.43 10.89
CA ALA A 387 38.99 -8.71 10.25
C ALA A 387 37.75 -9.57 10.04
N LEU A 388 36.85 -9.59 11.03
CA LEU A 388 35.65 -10.39 10.91
C LEU A 388 34.72 -9.77 9.87
N ARG A 389 34.61 -8.44 9.88
CA ARG A 389 33.76 -7.75 8.91
C ARG A 389 34.20 -8.02 7.47
N GLU A 390 35.51 -8.13 7.25
CA GLU A 390 36.03 -8.38 5.91
C GLU A 390 35.76 -9.81 5.46
N GLU A 391 35.75 -10.75 6.39
CA GLU A 391 35.48 -12.13 6.03
C GLU A 391 34.02 -12.24 5.57
N VAL A 392 33.14 -11.55 6.28
CA VAL A 392 31.72 -11.53 5.94
C VAL A 392 31.55 -10.87 4.58
N ARG A 393 32.21 -9.73 4.41
CA ARG A 393 32.14 -8.99 3.16
C ARG A 393 32.48 -9.88 1.96
N ARG A 394 33.64 -10.53 2.04
CA ARG A 394 34.12 -11.38 0.96
C ARG A 394 33.19 -12.54 0.64
N LEU A 395 32.74 -13.23 1.68
CA LEU A 395 31.83 -14.36 1.48
C LEU A 395 30.55 -13.89 0.77
N ALA A 396 30.07 -12.71 1.14
CA ALA A 396 28.86 -12.17 0.55
C ALA A 396 29.08 -11.85 -0.92
N LEU A 397 30.16 -11.14 -1.22
CA LEU A 397 30.48 -10.76 -2.59
C LEU A 397 30.70 -11.98 -3.50
N ALA A 398 31.07 -13.11 -2.92
CA ALA A 398 31.25 -14.35 -3.69
C ALA A 398 29.89 -14.96 -4.05
N HIS A 399 28.81 -14.44 -3.49
CA HIS A 399 27.46 -14.95 -3.78
C HIS A 399 26.64 -13.81 -4.40
N PRO A 400 26.54 -13.76 -5.73
CA PRO A 400 25.82 -12.66 -6.38
C PRO A 400 24.34 -12.50 -6.05
N MET A 401 23.85 -11.28 -6.27
CA MET A 401 22.44 -10.94 -6.07
C MET A 401 21.76 -11.05 -7.42
N PRO A 402 20.42 -11.25 -7.44
CA PRO A 402 19.63 -11.40 -8.67
C PRO A 402 19.84 -10.27 -9.69
N LYS B 1 13.52 -17.80 -16.81
CA LYS B 1 12.61 -17.44 -17.93
C LYS B 1 11.97 -16.08 -17.70
N ARG B 2 11.83 -15.32 -18.77
CA ARG B 2 11.22 -14.02 -18.73
C ARG B 2 9.73 -14.23 -18.95
N ASP B 3 8.93 -13.45 -18.23
CA ASP B 3 7.48 -13.51 -18.30
C ASP B 3 7.03 -12.66 -19.49
N GLU B 4 7.21 -13.21 -20.68
CA GLU B 4 6.91 -12.50 -21.92
C GLU B 4 5.48 -12.02 -22.04
N ALA B 5 4.54 -12.85 -21.63
CA ALA B 5 3.12 -12.50 -21.74
C ALA B 5 2.80 -11.21 -20.98
N LEU B 6 3.29 -11.13 -19.75
CA LEU B 6 3.07 -9.98 -18.89
C LEU B 6 3.70 -8.71 -19.49
N PHE B 7 4.96 -8.80 -19.90
CA PHE B 7 5.66 -7.65 -20.46
C PHE B 7 5.09 -7.20 -21.77
N GLU B 8 4.46 -8.12 -22.49
CA GLU B 8 3.82 -7.77 -23.74
C GLU B 8 2.62 -6.87 -23.38
N LEU B 9 1.95 -7.16 -22.27
CA LEU B 9 0.83 -6.33 -21.82
C LEU B 9 1.29 -4.94 -21.41
N ILE B 10 2.38 -4.87 -20.65
CA ILE B 10 2.93 -3.60 -20.21
C ILE B 10 3.24 -2.72 -21.42
N ALA B 11 3.78 -3.34 -22.47
CA ALA B 11 4.05 -2.63 -23.71
C ALA B 11 2.73 -2.12 -24.33
N LEU B 12 1.66 -2.90 -24.19
CA LEU B 12 0.37 -2.48 -24.74
C LEU B 12 -0.18 -1.27 -23.97
N GLU B 13 0.05 -1.22 -22.67
CA GLU B 13 -0.40 -0.10 -21.86
C GLU B 13 0.43 1.16 -22.17
N GLU B 14 1.71 0.97 -22.48
CA GLU B 14 2.57 2.10 -22.84
C GLU B 14 2.05 2.74 -24.11
N LYS B 15 1.74 1.91 -25.09
CA LYS B 15 1.21 2.35 -26.37
C LYS B 15 -0.11 3.11 -26.17
N ARG B 16 -1.02 2.54 -25.38
CA ARG B 16 -2.31 3.14 -25.10
C ARG B 16 -2.15 4.51 -24.46
N GLN B 17 -1.15 4.64 -23.58
CA GLN B 17 -0.89 5.92 -22.91
C GLN B 17 -0.32 6.94 -23.89
N ARG B 18 0.52 6.50 -24.81
CA ARG B 18 1.10 7.41 -25.81
C ARG B 18 0.09 7.88 -26.86
N GLU B 19 -0.74 6.96 -27.32
CA GLU B 19 -1.68 7.21 -28.41
C GLU B 19 -3.08 7.70 -28.07
N GLY B 20 -3.31 8.09 -26.82
CA GLY B 20 -4.62 8.57 -26.45
C GLY B 20 -4.49 9.87 -25.68
N LEU B 21 -5.61 10.45 -25.32
CA LEU B 21 -5.62 11.70 -24.56
C LEU B 21 -6.17 11.34 -23.19
N GLU B 22 -5.27 11.25 -22.23
CA GLU B 22 -5.64 10.88 -20.88
C GLU B 22 -6.16 12.13 -20.16
N LEU B 23 -7.47 12.24 -20.04
CA LEU B 23 -8.11 13.39 -19.41
C LEU B 23 -8.71 13.10 -18.03
N ILE B 24 -8.31 11.99 -17.42
CA ILE B 24 -8.78 11.66 -16.07
C ILE B 24 -8.06 12.61 -15.09
N ALA B 25 -8.83 13.41 -14.38
CA ALA B 25 -8.31 14.43 -13.44
C ALA B 25 -7.36 13.96 -12.37
N SER B 26 -7.49 12.71 -11.94
CA SER B 26 -6.65 12.17 -10.88
C SER B 26 -5.42 11.44 -11.37
N GLU B 27 -5.17 11.45 -12.68
CA GLU B 27 -4.01 10.78 -13.24
C GLU B 27 -2.95 11.80 -13.67
N ASN B 28 -1.77 11.29 -14.00
CA ASN B 28 -0.67 12.13 -14.44
C ASN B 28 0.37 11.16 -14.97
N PHE B 29 1.52 11.67 -15.41
CA PHE B 29 2.61 10.82 -15.89
C PHE B 29 3.90 11.08 -15.11
N VAL B 30 4.34 10.10 -14.33
CA VAL B 30 5.57 10.26 -13.56
C VAL B 30 6.83 10.22 -14.44
N SER B 31 7.89 10.89 -13.98
CA SER B 31 9.15 10.98 -14.72
C SER B 31 9.92 9.68 -14.65
N LYS B 32 10.92 9.53 -15.51
CA LYS B 32 11.75 8.33 -15.52
C LYS B 32 12.47 8.12 -14.21
N GLN B 33 12.94 9.19 -13.58
CA GLN B 33 13.67 9.03 -12.33
C GLN B 33 12.79 8.58 -11.16
N VAL B 34 11.51 8.96 -11.17
CA VAL B 34 10.60 8.53 -10.12
C VAL B 34 10.46 7.02 -10.23
N ARG B 35 10.27 6.55 -11.46
CA ARG B 35 10.12 5.13 -11.72
C ARG B 35 11.40 4.35 -11.41
N GLU B 36 12.56 4.98 -11.65
CA GLU B 36 13.84 4.32 -11.38
C GLU B 36 13.95 4.02 -9.88
N ALA B 37 13.54 4.98 -9.05
CA ALA B 37 13.59 4.81 -7.60
C ALA B 37 12.58 3.76 -7.12
N VAL B 38 11.38 3.80 -7.67
CA VAL B 38 10.33 2.85 -7.28
C VAL B 38 10.69 1.41 -7.69
N GLY B 39 11.50 1.26 -8.74
CA GLY B 39 11.92 -0.05 -9.18
C GLY B 39 13.29 -0.43 -8.66
N SER B 40 13.67 0.19 -7.54
CA SER B 40 14.97 -0.05 -6.93
C SER B 40 14.95 -1.24 -5.98
N VAL B 41 16.13 -1.61 -5.50
CA VAL B 41 16.30 -2.71 -4.56
C VAL B 41 15.84 -2.36 -3.14
N LEU B 42 15.35 -1.14 -2.93
CA LEU B 42 14.90 -0.71 -1.60
C LEU B 42 13.71 -1.53 -1.12
N THR B 43 13.10 -2.27 -2.03
CA THR B 43 11.96 -3.13 -1.70
C THR B 43 12.41 -4.36 -0.91
N ASN B 44 13.70 -4.66 -0.95
CA ASN B 44 14.21 -5.83 -0.25
C ASN B 44 14.45 -5.61 1.23
N LYS B 45 14.17 -4.41 1.73
CA LYS B 45 14.41 -4.14 3.14
C LYS B 45 13.16 -3.92 3.96
N TYR B 46 13.06 -4.64 5.07
CA TYR B 46 11.95 -4.49 6.01
C TYR B 46 12.36 -3.39 6.98
N ALA B 47 11.61 -2.30 6.99
CA ALA B 47 11.97 -1.16 7.83
C ALA B 47 10.86 -0.68 8.74
N GLU B 48 10.29 -1.60 9.52
CA GLU B 48 9.25 -1.24 10.48
C GLU B 48 9.83 -0.30 11.51
N GLY B 49 9.05 0.73 11.83
CA GLY B 49 9.48 1.72 12.79
C GLY B 49 9.68 3.04 12.07
N TYR B 50 10.52 3.90 12.63
CA TYR B 50 10.81 5.19 12.03
C TYR B 50 12.31 5.42 12.07
N PRO B 51 12.81 6.40 11.30
CA PRO B 51 14.25 6.64 11.31
C PRO B 51 14.85 6.77 12.71
N GLY B 52 15.96 6.05 12.94
CA GLY B 52 16.64 6.08 14.22
C GLY B 52 15.90 5.30 15.28
N ALA B 53 14.85 4.58 14.88
CA ALA B 53 14.07 3.78 15.82
C ALA B 53 13.36 2.63 15.10
N ARG B 54 14.14 1.79 14.42
CA ARG B 54 13.57 0.66 13.68
C ARG B 54 13.56 -0.62 14.50
N TYR B 55 12.71 -1.55 14.08
CA TYR B 55 12.63 -2.86 14.70
C TYR B 55 13.77 -3.75 14.19
N TYR B 56 14.20 -3.58 12.93
CA TYR B 56 15.28 -4.38 12.39
C TYR B 56 16.54 -3.54 12.15
N GLY B 57 17.68 -4.21 12.06
CA GLY B 57 18.93 -3.52 11.79
C GLY B 57 19.14 -3.43 10.30
N GLY B 58 20.25 -2.81 9.88
CA GLY B 58 20.54 -2.68 8.46
C GLY B 58 19.74 -1.60 7.76
N CYS B 59 19.23 -0.63 8.53
CA CYS B 59 18.41 0.46 7.99
C CYS B 59 19.14 1.79 8.01
N GLU B 60 20.46 1.76 8.16
CA GLU B 60 21.23 2.97 8.24
C GLU B 60 21.06 3.81 6.99
N VAL B 61 21.05 3.16 5.83
CA VAL B 61 20.89 3.89 4.58
C VAL B 61 19.42 4.29 4.35
N ILE B 62 18.52 3.34 4.57
CA ILE B 62 17.08 3.57 4.43
C ILE B 62 16.60 4.75 5.27
N ASP B 63 17.20 4.90 6.46
CA ASP B 63 16.85 6.00 7.36
C ASP B 63 17.16 7.35 6.71
N ARG B 64 18.27 7.43 5.97
CA ARG B 64 18.63 8.67 5.31
C ARG B 64 17.67 8.95 4.16
N VAL B 65 17.18 7.91 3.51
CA VAL B 65 16.22 8.07 2.41
C VAL B 65 14.87 8.56 2.94
N GLU B 66 14.35 7.93 3.99
CA GLU B 66 13.06 8.32 4.54
C GLU B 66 13.13 9.71 5.13
N SER B 67 14.21 9.98 5.84
CA SER B 67 14.43 11.28 6.45
C SER B 67 14.47 12.38 5.39
N LEU B 68 15.11 12.08 4.27
CA LEU B 68 15.20 13.05 3.19
C LEU B 68 13.80 13.35 2.67
N ALA B 69 12.98 12.32 2.54
CA ALA B 69 11.61 12.49 2.07
C ALA B 69 10.80 13.33 3.06
N ILE B 70 10.98 13.06 4.35
CA ILE B 70 10.33 13.83 5.38
C ILE B 70 10.69 15.31 5.29
N GLU B 71 11.97 15.62 5.37
CA GLU B 71 12.44 17.01 5.35
C GLU B 71 12.04 17.78 4.10
N ARG B 72 12.07 17.12 2.96
CA ARG B 72 11.67 17.77 1.71
C ARG B 72 10.19 18.09 1.71
N ALA B 73 9.38 17.21 2.30
CA ALA B 73 7.94 17.42 2.36
C ALA B 73 7.63 18.64 3.24
N LYS B 74 8.36 18.76 4.34
CA LYS B 74 8.21 19.87 5.28
C LYS B 74 8.58 21.19 4.64
N ALA B 75 9.71 21.21 3.94
CA ALA B 75 10.18 22.43 3.29
C ALA B 75 9.28 22.85 2.15
N LEU B 76 8.75 21.87 1.44
CA LEU B 76 7.87 22.11 0.29
C LEU B 76 6.55 22.74 0.72
N PHE B 77 5.97 22.24 1.81
CA PHE B 77 4.68 22.73 2.26
C PHE B 77 4.73 23.63 3.49
N GLY B 78 5.91 23.79 4.07
CA GLY B 78 6.04 24.60 5.27
C GLY B 78 5.36 23.95 6.45
N ALA B 79 5.66 22.68 6.69
CA ALA B 79 5.07 21.94 7.79
C ALA B 79 6.15 21.59 8.81
N ALA B 80 5.79 21.54 10.08
CA ALA B 80 6.72 21.20 11.16
C ALA B 80 6.94 19.68 11.30
N TRP B 81 6.01 18.90 10.77
CA TRP B 81 6.06 17.44 10.86
C TRP B 81 5.47 16.79 9.62
N ALA B 82 5.94 15.59 9.31
CA ALA B 82 5.43 14.84 8.18
C ALA B 82 5.65 13.34 8.38
N ASN B 83 4.81 12.54 7.74
CA ASN B 83 4.90 11.09 7.76
C ASN B 83 4.74 10.69 6.30
N VAL B 84 5.73 10.03 5.73
CA VAL B 84 5.71 9.64 4.33
C VAL B 84 5.48 8.14 4.12
N GLN B 85 5.04 7.45 5.17
CA GLN B 85 4.81 6.02 5.10
C GLN B 85 3.43 5.53 4.60
N PRO B 86 2.41 6.38 4.57
CA PRO B 86 1.12 5.82 4.11
C PRO B 86 1.16 5.21 2.70
N HIS B 87 0.65 3.98 2.57
CA HIS B 87 0.64 3.26 1.30
C HIS B 87 -0.23 3.95 0.24
N SER B 88 -1.19 4.74 0.69
CA SER B 88 -2.13 5.40 -0.21
C SER B 88 -2.78 6.58 0.47
N GLY B 89 -3.55 7.37 -0.30
CA GLY B 89 -4.23 8.50 0.30
C GLY B 89 -5.31 8.01 1.25
N SER B 90 -5.81 6.80 0.97
CA SER B 90 -6.85 6.19 1.79
C SER B 90 -6.31 5.80 3.16
N GLN B 91 -5.12 5.22 3.19
CA GLN B 91 -4.49 4.81 4.46
C GLN B 91 -4.10 6.04 5.29
N ALA B 92 -3.76 7.14 4.61
CA ALA B 92 -3.39 8.37 5.28
C ALA B 92 -4.60 8.87 6.07
N ASN B 93 -5.77 8.87 5.44
CA ASN B 93 -6.99 9.32 6.11
C ASN B 93 -7.40 8.40 7.24
N MET B 94 -7.25 7.10 7.02
CA MET B 94 -7.63 6.10 8.02
C MET B 94 -6.85 6.28 9.33
N ALA B 95 -5.53 6.45 9.20
CA ALA B 95 -4.66 6.62 10.35
C ALA B 95 -5.06 7.88 11.13
N VAL B 96 -5.30 8.95 10.41
CA VAL B 96 -5.69 10.22 11.02
C VAL B 96 -7.01 10.09 11.77
N TYR B 97 -8.00 9.45 11.18
CA TYR B 97 -9.29 9.31 11.85
C TYR B 97 -9.15 8.47 13.12
N MET B 98 -8.43 7.36 13.05
CA MET B 98 -8.29 6.46 14.20
C MET B 98 -7.49 7.09 15.34
N ALA B 99 -6.72 8.13 15.04
CA ALA B 99 -5.91 8.82 16.03
C ALA B 99 -6.68 9.94 16.71
N LEU B 100 -7.66 10.52 16.01
CA LEU B 100 -8.44 11.62 16.57
C LEU B 100 -9.81 11.17 17.09
N MET B 101 -10.31 10.05 16.58
CA MET B 101 -11.63 9.56 16.96
C MET B 101 -11.67 8.12 17.43
N GLU B 102 -12.77 7.80 18.10
CA GLU B 102 -13.06 6.46 18.54
C GLU B 102 -14.27 6.06 17.73
N PRO B 103 -14.48 4.76 17.48
CA PRO B 103 -15.65 4.36 16.68
C PRO B 103 -16.92 4.90 17.32
N GLY B 104 -17.84 5.38 16.50
CA GLY B 104 -19.08 5.93 17.03
C GLY B 104 -19.09 7.44 17.04
N ASP B 105 -17.92 8.09 16.96
CA ASP B 105 -17.88 9.55 16.95
C ASP B 105 -18.46 10.10 15.66
N THR B 106 -18.76 11.39 15.67
CA THR B 106 -19.34 12.06 14.51
C THR B 106 -18.28 12.71 13.63
N LEU B 107 -18.30 12.32 12.36
CA LEU B 107 -17.40 12.83 11.35
C LEU B 107 -18.22 13.68 10.38
N MET B 108 -17.73 14.87 10.07
CA MET B 108 -18.43 15.74 9.13
C MET B 108 -17.60 15.89 7.87
N GLY B 109 -18.20 15.55 6.74
CA GLY B 109 -17.51 15.64 5.47
C GLY B 109 -18.41 16.02 4.33
N MET B 110 -17.81 16.25 3.16
CA MET B 110 -18.57 16.64 1.98
C MET B 110 -19.30 15.44 1.35
N ASP B 111 -20.57 15.67 1.01
CA ASP B 111 -21.41 14.67 0.38
C ASP B 111 -20.70 14.23 -0.90
N LEU B 112 -20.81 12.94 -1.19
CA LEU B 112 -20.16 12.36 -2.38
C LEU B 112 -20.53 13.00 -3.72
N ALA B 113 -21.82 13.08 -4.05
CA ALA B 113 -22.24 13.64 -5.33
C ALA B 113 -21.84 15.11 -5.44
N ALA B 114 -21.78 15.80 -4.31
CA ALA B 114 -21.38 17.19 -4.29
C ALA B 114 -19.88 17.33 -4.51
N GLY B 115 -19.16 16.20 -4.47
CA GLY B 115 -17.73 16.24 -4.68
C GLY B 115 -16.83 15.56 -3.65
N GLY B 116 -17.38 15.19 -2.50
CA GLY B 116 -16.56 14.55 -1.48
C GLY B 116 -16.03 13.19 -1.89
N HIS B 117 -14.95 12.77 -1.25
CA HIS B 117 -14.34 11.47 -1.54
C HIS B 117 -15.03 10.36 -0.72
N LEU B 118 -14.84 9.12 -1.15
CA LEU B 118 -15.40 7.95 -0.47
C LEU B 118 -15.02 7.93 1.00
N THR B 119 -13.78 8.36 1.30
CA THR B 119 -13.25 8.33 2.68
C THR B 119 -13.75 9.49 3.53
N HIS B 120 -14.69 10.25 2.97
CA HIS B 120 -15.25 11.39 3.68
C HIS B 120 -16.61 11.10 4.31
N GLY B 121 -16.97 9.81 4.36
CA GLY B 121 -18.22 9.44 5.02
C GLY B 121 -19.16 8.53 4.26
N SER B 122 -18.69 7.91 3.19
CA SER B 122 -19.55 7.01 2.42
C SER B 122 -19.90 5.78 3.25
N ARG B 123 -21.15 5.32 3.13
CA ARG B 123 -21.60 4.16 3.90
C ARG B 123 -20.93 2.85 3.51
N VAL B 124 -20.48 2.75 2.27
CA VAL B 124 -19.78 1.55 1.78
C VAL B 124 -18.27 1.60 2.06
N ASN B 125 -17.82 2.70 2.65
CA ASN B 125 -16.41 2.89 3.00
C ASN B 125 -16.25 2.81 4.52
N PHE B 126 -15.07 2.44 4.98
CA PHE B 126 -14.81 2.33 6.41
C PHE B 126 -15.19 3.60 7.18
N SER B 127 -15.09 4.76 6.52
CA SER B 127 -15.42 6.03 7.15
C SER B 127 -16.87 6.09 7.58
N GLY B 128 -17.75 5.56 6.76
CA GLY B 128 -19.17 5.57 7.09
C GLY B 128 -19.64 4.36 7.88
N LYS B 129 -18.79 3.36 8.04
CA LYS B 129 -19.13 2.16 8.81
C LYS B 129 -18.70 2.29 10.28
N LEU B 130 -17.62 3.00 10.53
CA LEU B 130 -17.07 3.16 11.88
C LEU B 130 -17.49 4.42 12.63
N TYR B 131 -17.88 5.46 11.90
CA TYR B 131 -18.27 6.72 12.52
C TYR B 131 -19.67 7.16 12.09
N LYS B 132 -20.26 8.09 12.84
CA LYS B 132 -21.57 8.64 12.50
C LYS B 132 -21.26 9.81 11.58
N VAL B 133 -21.86 9.80 10.39
CA VAL B 133 -21.61 10.81 9.39
C VAL B 133 -22.67 11.87 9.18
N VAL B 134 -22.20 13.11 9.07
CA VAL B 134 -23.03 14.27 8.79
C VAL B 134 -22.35 14.88 7.59
N SER B 135 -23.10 15.02 6.50
CA SER B 135 -22.54 15.55 5.27
C SER B 135 -23.04 16.93 4.86
N TYR B 136 -22.13 17.71 4.30
CA TYR B 136 -22.45 19.05 3.79
C TYR B 136 -22.30 19.00 2.28
N GLY B 137 -23.06 19.83 1.58
CA GLY B 137 -23.01 19.80 0.13
C GLY B 137 -22.77 21.16 -0.45
N VAL B 138 -23.40 21.45 -1.57
CA VAL B 138 -23.28 22.73 -2.23
C VAL B 138 -24.69 23.25 -2.51
N ARG B 139 -24.79 24.55 -2.75
CA ARG B 139 -26.07 25.18 -3.03
C ARG B 139 -26.59 24.73 -4.39
N PRO B 140 -27.91 24.51 -4.52
CA PRO B 140 -28.48 24.06 -5.80
C PRO B 140 -28.43 25.10 -6.91
N ASP B 141 -28.32 26.37 -6.54
CA ASP B 141 -28.30 27.43 -7.53
C ASP B 141 -26.93 27.74 -8.13
N THR B 142 -25.93 27.91 -7.28
CA THR B 142 -24.56 28.24 -7.72
C THR B 142 -23.63 27.04 -7.71
N GLU B 143 -24.05 25.97 -7.05
CA GLU B 143 -23.25 24.76 -6.92
C GLU B 143 -21.93 24.98 -6.18
N LEU B 144 -21.92 25.99 -5.31
CA LEU B 144 -20.74 26.28 -4.49
C LEU B 144 -21.04 25.88 -3.04
N ILE B 145 -19.99 25.82 -2.22
CA ILE B 145 -20.13 25.51 -0.82
C ILE B 145 -20.68 26.75 -0.10
N ASP B 146 -21.69 26.55 0.73
CA ASP B 146 -22.29 27.63 1.50
C ASP B 146 -21.77 27.52 2.92
N LEU B 147 -20.87 28.41 3.32
CA LEU B 147 -20.24 28.36 4.64
C LEU B 147 -21.19 28.48 5.82
N GLU B 148 -22.32 29.16 5.67
CA GLU B 148 -23.26 29.26 6.77
C GLU B 148 -23.96 27.92 6.96
N GLU B 149 -24.28 27.24 5.86
CA GLU B 149 -24.90 25.92 5.94
C GLU B 149 -23.93 24.99 6.69
N VAL B 150 -22.63 25.09 6.37
CA VAL B 150 -21.61 24.28 7.03
C VAL B 150 -21.60 24.59 8.52
N ARG B 151 -21.64 25.87 8.86
CA ARG B 151 -21.60 26.30 10.25
C ARG B 151 -22.80 25.75 11.03
N ARG B 152 -23.98 25.95 10.46
CA ARG B 152 -25.21 25.46 11.05
C ARG B 152 -25.14 23.97 11.35
N LEU B 153 -24.68 23.19 10.39
CA LEU B 153 -24.60 21.75 10.60
C LEU B 153 -23.65 21.39 11.73
N ALA B 154 -22.55 22.10 11.81
CA ALA B 154 -21.54 21.85 12.84
C ALA B 154 -22.07 22.15 14.23
N LEU B 155 -22.78 23.26 14.36
CA LEU B 155 -23.34 23.64 15.65
C LEU B 155 -24.38 22.63 16.08
N GLU B 156 -25.19 22.19 15.14
CA GLU B 156 -26.25 21.26 15.41
C GLU B 156 -25.76 19.86 15.74
N HIS B 157 -24.81 19.37 14.95
CA HIS B 157 -24.30 18.02 15.12
C HIS B 157 -23.05 17.85 15.99
N ARG B 158 -22.29 18.91 16.17
CA ARG B 158 -21.09 18.86 17.01
C ARG B 158 -20.15 17.71 16.67
N PRO B 159 -19.61 17.70 15.44
CA PRO B 159 -18.68 16.65 15.03
C PRO B 159 -17.36 16.79 15.77
N LYS B 160 -16.64 15.67 15.86
CA LYS B 160 -15.33 15.63 16.50
C LYS B 160 -14.29 16.05 15.45
N VAL B 161 -14.55 15.69 14.20
CA VAL B 161 -13.67 16.01 13.08
C VAL B 161 -14.46 16.52 11.87
N ILE B 162 -13.96 17.59 11.26
CA ILE B 162 -14.56 18.15 10.06
C ILE B 162 -13.51 18.00 8.98
N VAL B 163 -13.92 17.48 7.82
CA VAL B 163 -13.00 17.29 6.72
C VAL B 163 -13.31 18.22 5.56
N ALA B 164 -12.28 18.92 5.11
CA ALA B 164 -12.38 19.84 3.97
C ALA B 164 -11.47 19.25 2.88
N GLY B 165 -11.81 19.52 1.62
CA GLY B 165 -11.06 18.95 0.52
C GLY B 165 -12.00 18.02 -0.21
N ALA B 166 -11.77 17.76 -1.49
CA ALA B 166 -12.67 16.91 -2.27
C ALA B 166 -12.02 16.22 -3.46
N SER B 167 -12.81 15.40 -4.14
CA SER B 167 -12.37 14.66 -5.33
C SER B 167 -12.91 15.30 -6.60
N ALA B 168 -13.99 16.05 -6.48
CA ALA B 168 -14.60 16.70 -7.64
C ALA B 168 -15.26 18.06 -7.38
N TYR B 169 -14.55 18.94 -6.67
CA TYR B 169 -15.04 20.29 -6.41
C TYR B 169 -14.08 21.19 -7.17
N PRO B 170 -14.60 21.94 -8.16
CA PRO B 170 -13.73 22.75 -9.01
C PRO B 170 -13.34 24.14 -8.53
N ARG B 171 -13.66 24.47 -7.27
CA ARG B 171 -13.34 25.82 -6.78
C ARG B 171 -12.46 25.82 -5.54
N PHE B 172 -11.96 27.00 -5.19
CA PHE B 172 -11.10 27.20 -4.04
C PHE B 172 -11.85 26.94 -2.75
N TRP B 173 -11.06 26.66 -1.70
CA TRP B 173 -11.55 26.41 -0.36
C TRP B 173 -11.12 27.54 0.54
N ASP B 174 -12.01 27.95 1.43
CA ASP B 174 -11.70 29.00 2.38
C ASP B 174 -11.32 28.28 3.66
N PHE B 175 -10.05 27.93 3.79
CA PHE B 175 -9.59 27.19 4.95
C PHE B 175 -9.70 27.95 6.27
N LYS B 176 -9.49 29.26 6.22
CA LYS B 176 -9.59 30.13 7.38
C LYS B 176 -10.99 30.02 7.99
N ALA B 177 -12.01 30.05 7.15
CA ALA B 177 -13.39 29.97 7.61
C ALA B 177 -13.71 28.59 8.19
N PHE B 178 -13.25 27.54 7.52
CA PHE B 178 -13.50 26.19 7.99
C PHE B 178 -12.86 25.97 9.36
N ARG B 179 -11.70 26.57 9.60
CA ARG B 179 -11.04 26.44 10.91
C ARG B 179 -11.86 27.15 12.01
N GLU B 180 -12.38 28.34 11.69
CA GLU B 180 -13.19 29.12 12.64
C GLU B 180 -14.42 28.30 13.05
N ILE B 181 -15.06 27.71 12.06
CA ILE B 181 -16.21 26.85 12.28
C ILE B 181 -15.83 25.67 13.18
N ALA B 182 -14.66 25.08 12.92
CA ALA B 182 -14.16 23.97 13.71
C ALA B 182 -13.89 24.39 15.17
N ASP B 183 -13.33 25.58 15.34
CA ASP B 183 -13.05 26.11 16.67
C ASP B 183 -14.34 26.38 17.44
N GLU B 184 -15.39 26.79 16.75
CA GLU B 184 -16.66 27.08 17.40
C GLU B 184 -17.26 25.86 18.09
N VAL B 185 -16.92 24.66 17.61
CA VAL B 185 -17.45 23.44 18.21
C VAL B 185 -16.38 22.52 18.81
N GLY B 186 -15.13 22.99 18.88
CA GLY B 186 -14.07 22.19 19.47
C GLY B 186 -13.68 20.97 18.65
N ALA B 187 -13.82 21.06 17.33
CA ALA B 187 -13.50 19.95 16.45
C ALA B 187 -12.14 20.13 15.83
N TYR B 188 -11.62 19.03 15.28
CA TYR B 188 -10.36 19.05 14.58
C TYR B 188 -10.69 19.32 13.12
N LEU B 189 -9.85 20.11 12.47
CA LEU B 189 -10.03 20.38 11.05
C LEU B 189 -8.98 19.58 10.31
N VAL B 190 -9.45 18.66 9.46
CA VAL B 190 -8.59 17.83 8.65
C VAL B 190 -8.78 18.24 7.20
N VAL B 191 -7.70 18.60 6.53
CA VAL B 191 -7.77 18.97 5.13
C VAL B 191 -7.16 17.85 4.30
N ASP B 192 -7.94 17.35 3.34
CA ASP B 192 -7.50 16.29 2.44
C ASP B 192 -7.24 16.98 1.09
N MET B 193 -6.01 17.43 0.89
CA MET B 193 -5.63 18.16 -0.33
C MET B 193 -5.10 17.28 -1.48
N ALA B 194 -5.34 15.98 -1.39
CA ALA B 194 -4.90 15.03 -2.41
C ALA B 194 -4.94 15.53 -3.85
N HIS B 195 -6.08 16.05 -4.29
CA HIS B 195 -6.23 16.49 -5.67
C HIS B 195 -5.42 17.71 -6.03
N PHE B 196 -5.44 18.70 -5.14
CA PHE B 196 -4.74 19.96 -5.39
C PHE B 196 -3.39 20.17 -4.68
N ALA B 197 -2.78 19.10 -4.18
CA ALA B 197 -1.48 19.21 -3.49
C ALA B 197 -0.41 19.93 -4.30
N GLY B 198 -0.26 19.58 -5.57
CA GLY B 198 0.73 20.23 -6.41
C GLY B 198 0.48 21.71 -6.61
N LEU B 199 -0.79 22.08 -6.75
CA LEU B 199 -1.17 23.48 -6.92
C LEU B 199 -0.78 24.25 -5.65
N VAL B 200 -0.91 23.60 -4.49
CA VAL B 200 -0.54 24.22 -3.22
C VAL B 200 0.98 24.42 -3.19
N ALA B 201 1.73 23.41 -3.61
CA ALA B 201 3.18 23.48 -3.66
C ALA B 201 3.68 24.60 -4.57
N ALA B 202 2.97 24.84 -5.66
CA ALA B 202 3.34 25.87 -6.64
C ALA B 202 2.81 27.27 -6.31
N GLY B 203 2.03 27.37 -5.22
CA GLY B 203 1.49 28.64 -4.78
C GLY B 203 0.28 29.12 -5.57
N LEU B 204 -0.39 28.18 -6.24
CA LEU B 204 -1.55 28.52 -7.07
C LEU B 204 -2.89 28.14 -6.45
N HIS B 205 -2.85 27.66 -5.20
CA HIS B 205 -4.06 27.29 -4.48
C HIS B 205 -3.83 27.61 -3.00
N PRO B 206 -4.85 28.13 -2.29
CA PRO B 206 -4.64 28.43 -0.86
C PRO B 206 -3.99 27.26 -0.12
N ASN B 207 -3.06 27.57 0.78
CA ASN B 207 -2.37 26.53 1.55
C ASN B 207 -3.11 26.23 2.84
N PRO B 208 -3.42 24.96 3.08
CA PRO B 208 -4.15 24.64 4.31
C PRO B 208 -3.30 24.46 5.57
N LEU B 209 -1.99 24.31 5.42
CA LEU B 209 -1.12 24.07 6.56
C LEU B 209 -1.34 24.95 7.79
N PRO B 210 -1.44 26.28 7.59
CA PRO B 210 -1.62 27.12 8.78
C PRO B 210 -2.98 26.98 9.48
N TYR B 211 -4.02 26.57 8.74
CA TYR B 211 -5.37 26.49 9.29
C TYR B 211 -5.86 25.13 9.81
N ALA B 212 -5.48 24.05 9.13
CA ALA B 212 -5.89 22.72 9.55
C ALA B 212 -5.01 22.18 10.68
N HIS B 213 -5.56 21.26 11.46
CA HIS B 213 -4.81 20.61 12.51
C HIS B 213 -3.92 19.55 11.84
N VAL B 214 -4.47 18.92 10.81
CA VAL B 214 -3.78 17.87 10.05
C VAL B 214 -4.15 17.96 8.57
N VAL B 215 -3.18 17.61 7.72
CA VAL B 215 -3.38 17.60 6.28
C VAL B 215 -2.98 16.25 5.73
N THR B 216 -3.84 15.67 4.90
CA THR B 216 -3.57 14.39 4.28
C THR B 216 -3.50 14.65 2.79
N SER B 217 -2.84 13.75 2.08
CA SER B 217 -2.70 13.89 0.65
C SER B 217 -2.16 12.62 0.02
N THR B 218 -2.13 12.63 -1.30
CA THR B 218 -1.55 11.55 -2.07
C THR B 218 -0.28 12.18 -2.59
N THR B 219 0.68 11.37 -3.02
CA THR B 219 1.91 11.92 -3.58
C THR B 219 1.73 11.91 -5.09
N HIS B 220 0.76 11.13 -5.54
CA HIS B 220 0.42 11.09 -6.95
C HIS B 220 -0.65 12.17 -7.15
N THR B 222 -1.86 15.84 -8.72
CA THR B 222 -1.19 17.05 -9.19
C THR B 222 0.28 17.18 -8.74
N LEU B 223 0.64 16.50 -7.65
CA LEU B 223 2.01 16.55 -7.18
C LEU B 223 2.91 15.74 -8.12
N ARG B 224 2.30 14.90 -8.95
CA ARG B 224 3.02 14.13 -9.96
C ARG B 224 4.11 13.20 -9.40
N GLY B 225 3.81 12.59 -8.26
CA GLY B 225 4.76 11.68 -7.64
C GLY B 225 4.32 10.22 -7.72
N PRO B 226 4.98 9.32 -6.99
CA PRO B 226 4.55 7.92 -7.06
C PRO B 226 3.21 7.74 -6.35
N ARG B 227 2.62 6.56 -6.55
CA ARG B 227 1.33 6.24 -5.96
C ARG B 227 1.50 5.94 -4.48
N GLY B 228 0.98 6.83 -3.63
CA GLY B 228 1.13 6.64 -2.20
C GLY B 228 0.52 7.75 -1.41
N GLY B 229 0.71 7.72 -0.09
CA GLY B 229 0.14 8.73 0.78
C GLY B 229 1.13 9.62 1.51
N LEU B 230 0.59 10.60 2.23
CA LEU B 230 1.41 11.58 2.95
C LEU B 230 0.55 12.32 3.98
N ILE B 231 1.16 12.64 5.13
CA ILE B 231 0.46 13.36 6.18
C ILE B 231 1.36 14.49 6.65
N LEU B 232 0.75 15.65 6.89
CA LEU B 232 1.48 16.83 7.34
C LEU B 232 0.74 17.54 8.47
N SER B 233 1.49 18.22 9.31
CA SER B 233 0.91 18.99 10.41
C SER B 233 1.90 20.02 10.95
N ASN B 234 1.38 21.11 11.50
CA ASN B 234 2.22 22.12 12.12
C ASN B 234 2.31 21.86 13.62
N ASP B 235 1.66 20.80 14.07
CA ASP B 235 1.69 20.40 15.48
C ASP B 235 2.42 19.07 15.64
N PRO B 236 3.71 19.10 16.01
CA PRO B 236 4.49 17.86 16.12
C PRO B 236 4.02 16.93 17.23
N GLU B 237 3.21 17.45 18.15
CA GLU B 237 2.69 16.65 19.25
C GLU B 237 1.60 15.76 18.69
N LEU B 238 0.75 16.38 17.87
CA LEU B 238 -0.31 15.66 17.21
C LEU B 238 0.37 14.66 16.24
N GLY B 239 1.46 15.10 15.61
CA GLY B 239 2.20 14.25 14.70
C GLY B 239 2.65 12.94 15.31
N LYS B 240 3.10 12.98 16.57
CA LYS B 240 3.56 11.77 17.26
C LYS B 240 2.45 10.73 17.46
N ARG B 241 1.24 11.18 17.78
CA ARG B 241 0.13 10.24 17.95
C ARG B 241 -0.16 9.58 16.61
N ILE B 242 -0.23 10.39 15.55
CA ILE B 242 -0.50 9.88 14.22
C ILE B 242 0.57 8.89 13.75
N ASP B 243 1.83 9.17 14.08
CA ASP B 243 2.91 8.26 13.70
C ASP B 243 2.61 6.88 14.26
N LYS B 244 2.11 6.85 15.49
CA LYS B 244 1.79 5.58 16.16
C LYS B 244 0.64 4.84 15.49
N LEU B 245 -0.30 5.57 14.91
CA LEU B 245 -1.41 4.93 14.24
C LEU B 245 -1.01 4.35 12.88
N ILE B 246 -0.06 4.97 12.20
CA ILE B 246 0.41 4.44 10.93
C ILE B 246 1.15 3.12 11.18
N PHE B 247 1.97 3.12 12.23
CA PHE B 247 2.70 1.94 12.64
C PHE B 247 2.98 2.03 14.14
N PRO B 248 2.68 0.97 14.91
CA PRO B 248 2.11 -0.32 14.49
C PRO B 248 0.59 -0.32 14.36
N GLY B 249 0.00 0.86 14.28
CA GLY B 249 -1.45 0.96 14.20
C GLY B 249 -2.15 0.26 13.06
N ILE B 250 -1.97 0.75 11.83
CA ILE B 250 -2.68 0.18 10.69
C ILE B 250 -1.83 -0.42 9.57
N GLN B 251 -0.55 -0.15 9.57
CA GLN B 251 0.33 -0.72 8.54
C GLN B 251 1.43 -1.57 9.14
N GLY B 252 2.15 -2.25 8.27
CA GLY B 252 3.26 -3.07 8.70
C GLY B 252 4.50 -2.41 8.14
N GLY B 253 5.23 -3.13 7.31
CA GLY B 253 6.43 -2.56 6.74
C GLY B 253 6.11 -1.49 5.71
N PRO B 254 6.84 -0.37 5.71
CA PRO B 254 6.54 0.65 4.69
C PRO B 254 7.18 0.25 3.34
N LEU B 255 6.77 0.92 2.26
CA LEU B 255 7.32 0.64 0.95
C LEU B 255 8.44 1.65 0.70
N GLU B 256 9.65 1.31 1.12
CA GLU B 256 10.79 2.22 1.01
C GLU B 256 11.20 2.59 -0.41
N HIS B 257 10.91 1.73 -1.38
CA HIS B 257 11.21 2.05 -2.78
C HIS B 257 10.28 3.17 -3.22
N VAL B 258 9.04 3.12 -2.75
CA VAL B 258 8.06 4.15 -3.06
C VAL B 258 8.39 5.45 -2.33
N ILE B 259 8.89 5.35 -1.11
CA ILE B 259 9.28 6.52 -0.34
C ILE B 259 10.49 7.21 -0.98
N ALA B 260 11.35 6.42 -1.63
CA ALA B 260 12.50 6.97 -2.33
C ALA B 260 11.95 7.79 -3.49
N GLY B 261 10.93 7.26 -4.16
CA GLY B 261 10.29 7.96 -5.26
C GLY B 261 9.56 9.22 -4.82
N LYS B 262 9.12 9.25 -3.56
CA LYS B 262 8.43 10.42 -3.02
C LYS B 262 9.45 11.53 -2.84
N ALA B 263 10.63 11.15 -2.35
CA ALA B 263 11.71 12.10 -2.15
C ALA B 263 12.07 12.76 -3.49
N VAL B 264 12.13 11.95 -4.55
CA VAL B 264 12.42 12.45 -5.90
C VAL B 264 11.33 13.42 -6.39
N ALA B 265 10.07 13.06 -6.20
CA ALA B 265 8.94 13.90 -6.62
C ALA B 265 8.95 15.25 -5.90
N PHE B 266 9.32 15.24 -4.62
CA PHE B 266 9.36 16.47 -3.84
C PHE B 266 10.50 17.34 -4.38
N PHE B 267 11.59 16.70 -4.76
CA PHE B 267 12.75 17.38 -5.32
C PHE B 267 12.31 18.07 -6.61
N GLU B 268 11.54 17.35 -7.43
CA GLU B 268 11.05 17.88 -8.69
C GLU B 268 10.07 19.03 -8.48
N ALA B 269 9.28 18.96 -7.41
CA ALA B 269 8.30 20.00 -7.11
C ALA B 269 8.95 21.29 -6.60
N LEU B 270 10.18 21.20 -6.09
CA LEU B 270 10.89 22.37 -5.57
C LEU B 270 11.60 23.14 -6.67
N GLN B 271 11.64 22.57 -7.88
CA GLN B 271 12.30 23.22 -9.01
C GLN B 271 11.36 24.25 -9.64
N PRO B 272 11.89 25.40 -10.09
CA PRO B 272 11.02 26.44 -10.66
C PRO B 272 10.14 25.95 -11.82
N GLU B 273 10.63 24.99 -12.60
CA GLU B 273 9.86 24.43 -13.71
C GLU B 273 8.50 23.89 -13.28
N PHE B 274 8.41 23.46 -12.03
CA PHE B 274 7.15 22.88 -11.54
C PHE B 274 6.06 23.93 -11.39
N LYS B 275 6.48 25.15 -11.11
CA LYS B 275 5.55 26.27 -10.97
C LYS B 275 4.97 26.61 -12.35
N GLU B 276 5.81 26.57 -13.37
CA GLU B 276 5.40 26.86 -14.73
C GLU B 276 4.44 25.76 -15.20
N TYR B 277 4.79 24.51 -14.88
CA TYR B 277 3.96 23.38 -15.22
C TYR B 277 2.56 23.57 -14.61
N SER B 278 2.53 23.77 -13.31
CA SER B 278 1.27 23.95 -12.58
C SER B 278 0.43 25.12 -13.10
N ARG B 279 1.08 26.22 -13.49
CA ARG B 279 0.35 27.37 -14.03
C ARG B 279 -0.35 26.95 -15.31
N LEU B 280 0.34 26.17 -16.15
CA LEU B 280 -0.24 25.70 -17.39
C LEU B 280 -1.39 24.73 -17.17
N VAL B 281 -1.27 23.86 -16.16
CA VAL B 281 -2.33 22.92 -15.84
C VAL B 281 -3.64 23.67 -15.66
N VAL B 282 -3.60 24.73 -14.87
CA VAL B 282 -4.78 25.53 -14.60
C VAL B 282 -5.32 26.26 -15.84
N GLU B 283 -4.42 26.90 -16.58
CA GLU B 283 -4.83 27.61 -17.80
C GLU B 283 -5.47 26.64 -18.79
N ASN B 284 -4.97 25.41 -18.86
CA ASN B 284 -5.56 24.43 -19.77
C ASN B 284 -6.97 24.07 -19.35
N ALA B 285 -7.19 23.88 -18.04
CA ALA B 285 -8.50 23.50 -17.51
C ALA B 285 -9.55 24.56 -17.81
N LYS B 286 -9.23 25.80 -17.47
CA LYS B 286 -10.12 26.95 -17.70
C LYS B 286 -10.45 27.11 -19.17
N ARG B 287 -9.42 27.07 -20.01
CA ARG B 287 -9.62 27.22 -21.45
C ARG B 287 -10.48 26.09 -22.01
N LEU B 288 -10.16 24.85 -21.65
CA LEU B 288 -10.91 23.70 -22.17
C LEU B 288 -12.37 23.73 -21.73
N ALA B 289 -12.62 24.23 -20.52
CA ALA B 289 -13.98 24.32 -19.99
C ALA B 289 -14.75 25.38 -20.75
N GLU B 290 -14.08 26.49 -21.03
CA GLU B 290 -14.66 27.58 -21.78
C GLU B 290 -15.02 27.10 -23.20
N GLU B 291 -14.14 26.30 -23.80
CA GLU B 291 -14.34 25.76 -25.14
C GLU B 291 -15.53 24.81 -25.22
N LEU B 292 -15.69 23.97 -24.20
CA LEU B 292 -16.82 23.06 -24.17
C LEU B 292 -18.12 23.85 -23.89
N ALA B 293 -18.03 24.88 -23.07
CA ALA B 293 -19.16 25.72 -22.75
C ALA B 293 -19.65 26.43 -24.01
N ARG B 294 -18.70 26.90 -24.83
CA ARG B 294 -19.02 27.58 -26.09
C ARG B 294 -19.66 26.64 -27.10
N ARG B 295 -19.56 25.33 -26.84
CA ARG B 295 -20.13 24.32 -27.72
C ARG B 295 -21.46 23.81 -27.17
N GLY B 296 -21.95 24.46 -26.12
CA GLY B 296 -23.23 24.08 -25.55
C GLY B 296 -23.21 23.15 -24.35
N TYR B 297 -22.04 22.86 -23.80
CA TYR B 297 -21.96 21.98 -22.63
C TYR B 297 -22.10 22.76 -21.33
N ARG B 298 -22.85 22.20 -20.40
CA ARG B 298 -23.01 22.86 -19.12
C ARG B 298 -21.93 22.43 -18.15
N ILE B 299 -21.16 23.42 -17.71
CA ILE B 299 -20.08 23.22 -16.78
C ILE B 299 -20.53 23.56 -15.35
N VAL B 300 -20.40 22.59 -14.43
CA VAL B 300 -20.76 22.78 -13.03
C VAL B 300 -19.99 23.96 -12.44
N THR B 301 -20.73 24.86 -11.80
CA THR B 301 -20.23 26.11 -11.22
C THR B 301 -19.90 27.14 -12.29
N GLY B 302 -20.00 26.73 -13.55
CA GLY B 302 -19.76 27.65 -14.66
C GLY B 302 -18.32 27.72 -15.11
N GLY B 303 -17.43 27.02 -14.41
CA GLY B 303 -16.02 27.02 -14.77
C GLY B 303 -15.18 26.25 -13.76
N THR B 304 -14.01 26.78 -13.43
CA THR B 304 -13.13 26.12 -12.46
C THR B 304 -11.99 27.06 -12.04
N ASP B 305 -11.48 26.85 -10.82
CA ASP B 305 -10.34 27.59 -10.29
C ASP B 305 -9.11 26.69 -10.21
N ASN B 306 -9.29 25.40 -10.54
CA ASN B 306 -8.19 24.44 -10.44
C ASN B 306 -7.94 23.61 -11.70
N HIS B 307 -7.50 22.38 -11.51
CA HIS B 307 -7.16 21.46 -12.60
C HIS B 307 -8.28 20.60 -13.19
N LEU B 308 -9.48 20.66 -12.61
CA LEU B 308 -10.58 19.83 -13.09
C LEU B 308 -11.89 20.58 -13.23
N PHE B 309 -12.83 19.94 -13.91
CA PHE B 309 -14.17 20.47 -14.07
C PHE B 309 -15.14 19.34 -14.37
N LEU B 310 -16.42 19.60 -14.15
CA LEU B 310 -17.48 18.62 -14.34
C LEU B 310 -18.42 19.09 -15.45
N VAL B 311 -18.93 18.12 -16.20
CA VAL B 311 -19.85 18.39 -17.27
C VAL B 311 -21.16 17.67 -16.98
N ASP B 312 -22.22 18.46 -16.81
CA ASP B 312 -23.57 17.97 -16.55
C ASP B 312 -24.14 17.62 -17.91
N LEU B 313 -24.20 16.33 -18.22
CA LEU B 313 -24.71 15.86 -19.52
C LEU B 313 -26.22 15.67 -19.60
N ARG B 314 -26.94 16.00 -18.53
CA ARG B 314 -28.39 15.81 -18.54
C ARG B 314 -29.09 16.44 -19.75
N PRO B 315 -28.80 17.72 -20.05
CA PRO B 315 -29.46 18.33 -21.22
C PRO B 315 -29.13 17.63 -22.55
N LYS B 316 -28.13 16.76 -22.54
CA LYS B 316 -27.71 16.05 -23.74
C LYS B 316 -28.29 14.64 -23.81
N GLY B 317 -29.02 14.25 -22.76
CA GLY B 317 -29.64 12.94 -22.75
C GLY B 317 -28.63 11.80 -22.70
N LEU B 318 -27.48 12.05 -22.10
CA LEU B 318 -26.44 11.04 -21.97
C LEU B 318 -26.14 10.81 -20.51
N THR B 319 -25.87 9.56 -20.16
CA THR B 319 -25.47 9.25 -18.80
C THR B 319 -23.96 9.31 -18.84
N GLY B 320 -23.34 9.52 -17.69
CA GLY B 320 -21.90 9.59 -17.63
C GLY B 320 -21.24 8.33 -18.16
N LYS B 321 -21.84 7.19 -17.85
CA LYS B 321 -21.32 5.90 -18.29
C LYS B 321 -21.26 5.83 -19.82
N GLU B 322 -22.33 6.28 -20.47
CA GLU B 322 -22.42 6.28 -21.94
C GLU B 322 -21.35 7.16 -22.56
N ALA B 323 -21.18 8.36 -22.01
CA ALA B 323 -20.19 9.29 -22.53
C ALA B 323 -18.78 8.74 -22.39
N GLU B 324 -18.48 8.19 -21.21
CA GLU B 324 -17.16 7.62 -20.95
C GLU B 324 -16.86 6.53 -21.96
N GLU B 325 -17.86 5.73 -22.30
CA GLU B 325 -17.65 4.66 -23.28
C GLU B 325 -17.36 5.20 -24.66
N ARG B 326 -18.15 6.19 -25.08
CA ARG B 326 -17.99 6.77 -26.40
C ARG B 326 -16.65 7.45 -26.57
N LEU B 327 -16.23 8.20 -25.56
CA LEU B 327 -14.96 8.91 -25.62
C LEU B 327 -13.81 7.91 -25.64
N ASP B 328 -13.90 6.89 -24.80
CA ASP B 328 -12.88 5.86 -24.69
C ASP B 328 -12.64 5.18 -26.03
N ALA B 329 -13.73 4.91 -26.75
CA ALA B 329 -13.66 4.25 -28.06
C ALA B 329 -12.78 4.97 -29.09
N VAL B 330 -12.52 6.24 -28.87
CA VAL B 330 -11.72 7.02 -29.81
C VAL B 330 -10.41 7.50 -29.20
N GLY B 331 -10.02 6.89 -28.09
CA GLY B 331 -8.77 7.23 -27.45
C GLY B 331 -8.78 8.35 -26.42
N ILE B 332 -9.96 8.84 -26.05
CA ILE B 332 -10.07 9.91 -25.07
C ILE B 332 -10.63 9.34 -23.78
N THR B 333 -9.77 9.20 -22.77
CA THR B 333 -10.03 8.63 -21.48
C THR B 333 -10.49 9.66 -20.46
N VAL B 334 -11.68 9.51 -19.89
CA VAL B 334 -12.16 10.35 -18.81
C VAL B 334 -12.79 9.35 -17.87
N ASN B 335 -13.58 9.86 -16.92
CA ASN B 335 -14.32 8.98 -16.03
C ASN B 335 -15.71 9.56 -15.77
N LYS B 336 -16.71 8.68 -15.81
CA LYS B 336 -18.08 9.06 -15.51
C LYS B 336 -17.97 9.60 -14.10
N ASN B 337 -18.73 10.63 -13.75
CA ASN B 337 -18.62 11.19 -12.41
C ASN B 337 -19.93 11.77 -11.93
N ALA B 338 -20.20 11.59 -10.64
CA ALA B 338 -21.41 12.14 -10.06
C ALA B 338 -21.29 13.68 -10.06
N ILE B 339 -22.43 14.34 -10.22
CA ILE B 339 -22.49 15.81 -10.19
C ILE B 339 -23.41 16.15 -9.02
N PRO B 340 -23.31 17.37 -8.50
CA PRO B 340 -24.22 17.65 -7.37
C PRO B 340 -25.68 17.30 -7.68
N PHE B 341 -26.36 16.73 -6.68
CA PHE B 341 -27.77 16.34 -6.80
C PHE B 341 -28.06 15.31 -7.89
N ASP B 342 -27.05 14.54 -8.25
CA ASP B 342 -27.16 13.50 -9.29
C ASP B 342 -28.31 12.53 -9.02
N PRO B 343 -29.30 12.43 -9.94
CA PRO B 343 -30.39 11.48 -9.68
C PRO B 343 -29.97 10.03 -9.93
N LYS B 344 -28.77 9.84 -10.48
CA LYS B 344 -28.29 8.50 -10.81
C LYS B 344 -27.25 7.94 -9.85
N PRO B 345 -27.15 6.60 -9.78
CA PRO B 345 -26.16 5.98 -8.89
C PRO B 345 -24.75 6.13 -9.45
N PRO B 346 -23.71 6.09 -8.58
CA PRO B 346 -22.31 6.22 -9.00
C PRO B 346 -21.87 5.32 -10.15
N ARG B 347 -22.55 4.19 -10.34
CA ARG B 347 -22.18 3.28 -11.42
C ARG B 347 -22.62 3.81 -12.80
N VAL B 348 -23.58 4.73 -12.80
CA VAL B 348 -24.08 5.32 -14.05
C VAL B 348 -23.68 6.81 -14.13
N THR B 349 -24.18 7.58 -13.18
CA THR B 349 -23.94 9.03 -13.06
C THR B 349 -24.56 9.85 -14.20
N SER B 350 -24.67 11.15 -13.94
CA SER B 350 -25.22 12.09 -14.92
C SER B 350 -24.14 13.03 -15.51
N GLY B 351 -22.86 12.72 -15.30
CA GLY B 351 -21.82 13.57 -15.85
C GLY B 351 -20.47 12.90 -16.05
N ILE B 352 -19.49 13.70 -16.45
CA ILE B 352 -18.12 13.22 -16.64
C ILE B 352 -17.22 14.27 -16.04
N ARG B 353 -16.08 13.83 -15.52
CA ARG B 353 -15.09 14.73 -14.95
C ARG B 353 -13.90 14.76 -15.89
N ILE B 354 -13.34 15.95 -16.07
CA ILE B 354 -12.18 16.14 -16.91
C ILE B 354 -11.13 16.96 -16.16
N GLY B 355 -9.87 16.56 -16.33
CA GLY B 355 -8.75 17.24 -15.70
C GLY B 355 -7.60 17.32 -16.68
N THR B 356 -6.75 18.32 -16.52
CA THR B 356 -5.61 18.56 -17.42
C THR B 356 -4.20 18.21 -16.95
N PRO B 357 -4.01 17.76 -15.69
CA PRO B 357 -2.62 17.48 -15.31
C PRO B 357 -1.84 16.57 -16.25
N ALA B 358 -2.43 15.45 -16.65
CA ALA B 358 -1.72 14.50 -17.50
C ALA B 358 -1.32 15.07 -18.87
N ILE B 359 -2.28 15.62 -19.62
CA ILE B 359 -1.92 16.17 -20.92
C ILE B 359 -0.99 17.37 -20.82
N THR B 360 -1.03 18.08 -19.70
CA THR B 360 -0.13 19.22 -19.55
C THR B 360 1.31 18.74 -19.35
N THR B 361 1.47 17.55 -18.77
CA THR B 361 2.79 16.97 -18.57
C THR B 361 3.36 16.63 -19.93
N ARG B 362 2.47 16.35 -20.88
CA ARG B 362 2.87 16.00 -22.24
C ARG B 362 3.07 17.19 -23.19
N GLY B 363 3.10 18.40 -22.65
CA GLY B 363 3.36 19.58 -23.49
C GLY B 363 2.17 20.28 -24.11
N PHE B 364 0.96 19.85 -23.80
CA PHE B 364 -0.23 20.51 -24.36
C PHE B 364 -0.33 21.93 -23.81
N THR B 365 -0.73 22.85 -24.68
CA THR B 365 -0.84 24.26 -24.34
C THR B 365 -2.26 24.74 -24.53
N PRO B 366 -2.62 25.88 -23.91
CA PRO B 366 -3.99 26.40 -24.02
C PRO B 366 -4.49 26.55 -25.45
N GLU B 367 -3.62 26.89 -26.38
CA GLU B 367 -4.01 27.07 -27.78
C GLU B 367 -4.46 25.78 -28.43
N GLU B 368 -4.14 24.66 -27.82
CA GLU B 368 -4.55 23.37 -28.40
C GLU B 368 -5.90 22.92 -27.84
N MET B 369 -6.38 23.58 -26.80
CA MET B 369 -7.64 23.18 -26.19
C MET B 369 -8.84 23.27 -27.13
N PRO B 370 -8.91 24.30 -27.98
CA PRO B 370 -10.06 24.30 -28.92
C PRO B 370 -10.15 23.01 -29.73
N LEU B 371 -9.00 22.42 -30.07
CA LEU B 371 -8.94 21.17 -30.84
C LEU B 371 -9.40 19.97 -30.01
N VAL B 372 -8.98 19.92 -28.75
CA VAL B 372 -9.35 18.83 -27.87
C VAL B 372 -10.86 18.91 -27.61
N ALA B 373 -11.38 20.14 -27.51
CA ALA B 373 -12.80 20.34 -27.30
C ALA B 373 -13.62 19.83 -28.49
N GLU B 374 -13.19 20.13 -29.71
CA GLU B 374 -13.88 19.66 -30.90
C GLU B 374 -13.96 18.13 -30.94
N LEU B 375 -12.85 17.46 -30.63
CA LEU B 375 -12.80 16.01 -30.66
C LEU B 375 -13.76 15.37 -29.68
N ILE B 376 -13.84 15.94 -28.48
CA ILE B 376 -14.75 15.43 -27.46
C ILE B 376 -16.20 15.59 -27.92
N ASP B 377 -16.54 16.78 -28.41
CA ASP B 377 -17.88 17.12 -28.86
C ASP B 377 -18.34 16.17 -29.96
N ARG B 378 -17.49 15.90 -30.93
CA ARG B 378 -17.81 15.00 -32.03
C ARG B 378 -18.07 13.57 -31.58
N ALA B 379 -17.27 13.10 -30.61
CA ALA B 379 -17.41 11.74 -30.10
C ALA B 379 -18.72 11.55 -29.34
N LEU B 380 -19.24 12.61 -28.75
CA LEU B 380 -20.47 12.53 -27.98
C LEU B 380 -21.70 12.67 -28.85
N LEU B 381 -21.56 13.41 -29.95
CA LEU B 381 -22.68 13.65 -30.85
C LEU B 381 -22.74 12.67 -32.02
N GLU B 382 -21.58 12.46 -32.64
CA GLU B 382 -21.48 11.58 -33.79
C GLU B 382 -21.16 10.13 -33.41
N GLY B 383 -20.74 9.92 -32.17
CA GLY B 383 -20.41 8.59 -31.74
C GLY B 383 -19.04 8.20 -32.27
N PRO B 384 -18.52 7.03 -31.88
CA PRO B 384 -17.20 6.60 -32.35
C PRO B 384 -17.12 6.33 -33.83
N SER B 385 -15.95 6.58 -34.40
CA SER B 385 -15.68 6.33 -35.82
C SER B 385 -14.17 6.22 -35.97
N GLU B 386 -13.74 5.34 -36.86
CA GLU B 386 -12.32 5.11 -37.10
C GLU B 386 -11.57 6.38 -37.49
N ALA B 387 -12.21 7.28 -38.21
CA ALA B 387 -11.57 8.53 -38.63
C ALA B 387 -11.36 9.46 -37.44
N LEU B 388 -12.22 9.34 -36.44
CA LEU B 388 -12.12 10.17 -35.25
C LEU B 388 -10.99 9.65 -34.37
N ARG B 389 -10.89 8.33 -34.24
CA ARG B 389 -9.85 7.71 -33.45
C ARG B 389 -8.48 8.10 -34.01
N GLU B 390 -8.37 8.10 -35.32
CA GLU B 390 -7.12 8.40 -35.99
C GLU B 390 -6.65 9.84 -35.77
N GLU B 391 -7.59 10.76 -35.67
CA GLU B 391 -7.27 12.16 -35.42
C GLU B 391 -6.68 12.32 -34.03
N VAL B 392 -7.30 11.64 -33.06
CA VAL B 392 -6.85 11.69 -31.68
C VAL B 392 -5.44 11.11 -31.59
N ARG B 393 -5.25 9.95 -32.21
CA ARG B 393 -3.96 9.28 -32.17
C ARG B 393 -2.82 10.16 -32.66
N ARG B 394 -3.02 10.85 -33.77
CA ARG B 394 -1.99 11.70 -34.33
C ARG B 394 -1.71 12.90 -33.44
N LEU B 395 -2.77 13.47 -32.87
CA LEU B 395 -2.62 14.62 -31.99
C LEU B 395 -1.75 14.20 -30.81
N ALA B 396 -2.13 13.11 -30.16
CA ALA B 396 -1.40 12.57 -29.02
C ALA B 396 0.05 12.25 -29.37
N LEU B 397 0.26 11.61 -30.51
CA LEU B 397 1.61 11.21 -30.93
C LEU B 397 2.51 12.40 -31.20
N ALA B 398 1.92 13.57 -31.45
CA ALA B 398 2.69 14.78 -31.70
C ALA B 398 3.24 15.34 -30.40
N HIS B 399 2.90 14.70 -29.27
CA HIS B 399 3.37 15.13 -27.97
C HIS B 399 4.23 14.04 -27.28
N PRO B 400 5.36 14.43 -26.69
CA PRO B 400 6.24 13.45 -26.02
C PRO B 400 5.65 12.94 -24.73
N MET B 401 6.24 11.87 -24.21
CA MET B 401 5.82 11.30 -22.93
C MET B 401 7.06 11.26 -22.07
N PRO B 402 6.93 11.55 -20.76
CA PRO B 402 8.13 11.53 -19.90
C PRO B 402 8.88 10.20 -19.93
#